data_9CT8
#
_entry.id   9CT8
#
_cell.length_a   47.950
_cell.length_b   101.890
_cell.length_c   66.060
_cell.angle_alpha   90.000
_cell.angle_beta   91.170
_cell.angle_gamma   90.000
#
_symmetry.space_group_name_H-M   'P 1 21 1'
#
loop_
_entity.id
_entity.type
_entity.pdbx_description
1 polymer 'Isoform 2B of GTPase KRas'
2 polymer 'Peptidyl-prolyl cis-trans isomerase A'
3 non-polymer 'PHOSPHOAMINOPHOSPHONIC ACID-GUANYLATE ESTER'
4 non-polymer 'MAGNESIUM ION'
5 non-polymer '(2R)-2-amino-N-(2-{[(1R)-1-cyclopentyl-2-{[(1M,8S,10S,14S,21M)-22-ethyl-4-hydroxy-21-{2-[(1R)-1-methoxyethyl]pyridin-3-yl}-18,18-dimethyl-9,15-dioxo-16-oxa-10,22,28-triazapentacyclo[18.5.2.1~2,6~.1~10,14~.0~23,27~]nonacosa-1(25),2(29),3,5,20,23,26-heptaen-8-yl]amino}-2-oxoethyl](methyl)amino}-2-oxoethyl)-N-methylpropanamide (non-preferred name)'
6 non-polymer 'CHLORIDE ION'
7 water water
#
loop_
_entity_poly.entity_id
_entity_poly.type
_entity_poly.pdbx_seq_one_letter_code
_entity_poly.pdbx_strand_id
1 'polypeptide(L)'
;SMTEYKLVVVGADGVGKSALTIQLIQNHFVDEYDPTIEDSYRKQVVIDGETCLLDILDTAGQEEYSAMRDQYMRTGEGFL
CVFAINNTKSFEDIHHYREQIKRVKDSEDVPMVLVGNKCDLPSRTVDTKQAQDLARSYGIPFIETSAKTRQGVDDAFYTL
VREIRKHKEK
;
A,B
2 'polypeptide(L)'
;SMVNPTVFFDIAVDGEPLGRVSFELFADKVPKTAENFRALSTGEKGFGYKGSCFHRIIPGFMCQGGDFTRHNGTGGKSIY
GEKFEDENFILKHTGPGILSMANAGPNTNGSQFFICTAKTEWLDGKHVVFGKVKEGMNIVEAMERFGSRNGKTSKKITIA
DCGQLE
;
C,D
#
loop_
_chem_comp.id
_chem_comp.type
_chem_comp.name
_chem_comp.formula
A1AZX non-polymer '(2R)-2-amino-N-(2-{[(1R)-1-cyclopentyl-2-{[(1M,8S,10S,14S,21M)-22-ethyl-4-hydroxy-21-{2-[(1R)-1-methoxyethyl]pyridin-3-yl}-18,18-dimethyl-9,15-dioxo-16-oxa-10,22,28-triazapentacyclo[18.5.2.1~2,6~.1~10,14~.0~23,27~]nonacosa-1(25),2(29),3,5,20,23,26-heptaen-8-yl]amino}-2-oxoethyl](methyl)amino}-2-oxoethyl)-N-methylpropanamide (non-preferred name)' 'C51 H68 N8 O8'
CL non-polymer 'CHLORIDE ION' 'Cl -1'
GNP non-polymer 'PHOSPHOAMINOPHOSPHONIC ACID-GUANYLATE ESTER' 'C10 H17 N6 O13 P3'
MG non-polymer 'MAGNESIUM ION' 'Mg 2'
#
# COMPACT_ATOMS: atom_id res chain seq x y z
N SER A 1 18.91 -17.79 6.93
CA SER A 1 18.44 -16.44 7.22
C SER A 1 18.13 -15.71 5.91
N MET A 2 17.95 -14.40 5.99
CA MET A 2 17.61 -13.63 4.80
C MET A 2 18.27 -12.28 4.87
N THR A 3 18.14 -11.54 3.77
CA THR A 3 18.61 -10.17 3.69
CA THR A 3 18.62 -10.18 3.67
C THR A 3 17.53 -9.35 3.00
N GLU A 4 17.59 -8.05 3.18
CA GLU A 4 16.61 -7.14 2.59
C GLU A 4 17.33 -6.15 1.69
N TYR A 5 16.70 -5.79 0.58
CA TYR A 5 17.29 -4.84 -0.36
C TYR A 5 16.27 -3.76 -0.72
N LYS A 6 16.70 -2.50 -0.64
CA LYS A 6 15.85 -1.37 -0.99
C LYS A 6 16.13 -1.00 -2.44
N LEU A 7 15.20 -1.35 -3.33
CA LEU A 7 15.30 -1.06 -4.76
C LEU A 7 14.42 0.12 -5.12
N VAL A 8 14.94 1.03 -5.94
CA VAL A 8 14.20 2.21 -6.35
C VAL A 8 14.14 2.21 -7.87
N VAL A 9 12.93 2.34 -8.41
CA VAL A 9 12.70 2.34 -9.86
C VAL A 9 12.55 3.79 -10.30
N VAL A 10 13.44 4.25 -11.19
CA VAL A 10 13.45 5.62 -11.68
C VAL A 10 13.43 5.63 -13.20
N GLY A 11 13.09 6.78 -13.75
CA GLY A 11 13.04 6.95 -15.19
C GLY A 11 11.92 7.88 -15.59
N ALA A 12 11.94 8.30 -16.85
CA ALA A 12 11.05 9.33 -17.36
C ALA A 12 9.59 8.84 -17.32
N ASP A 13 8.69 9.82 -17.48
N ASP A 13 8.67 9.80 -17.36
CA ASP A 13 7.26 9.57 -17.53
CA ASP A 13 7.28 9.40 -17.20
C ASP A 13 6.93 8.46 -18.52
C ASP A 13 6.80 8.59 -18.40
N GLY A 14 6.08 7.51 -18.11
CA GLY A 14 5.50 6.62 -19.08
C GLY A 14 6.41 5.53 -19.62
N VAL A 15 7.63 5.39 -19.10
CA VAL A 15 8.53 4.37 -19.64
C VAL A 15 8.14 2.95 -19.22
N GLY A 16 7.32 2.80 -18.19
CA GLY A 16 6.91 1.50 -17.72
C GLY A 16 7.42 1.11 -16.34
N LYS A 17 7.79 2.08 -15.50
CA LYS A 17 8.27 1.77 -14.15
C LYS A 17 7.23 0.98 -13.37
N SER A 18 5.97 1.45 -13.40
CA SER A 18 4.93 0.77 -12.63
C SER A 18 4.55 -0.55 -13.26
N ALA A 19 4.48 -0.59 -14.60
CA ALA A 19 4.13 -1.85 -15.25
C ALA A 19 5.16 -2.93 -14.95
N LEU A 20 6.45 -2.57 -14.92
CA LEU A 20 7.48 -3.55 -14.56
C LEU A 20 7.32 -4.01 -13.12
N THR A 21 7.06 -3.07 -12.21
CA THR A 21 6.91 -3.41 -10.80
C THR A 21 5.68 -4.30 -10.57
N ILE A 22 4.57 -3.98 -11.23
CA ILE A 22 3.35 -4.77 -11.06
CA ILE A 22 3.34 -4.77 -11.06
C ILE A 22 3.52 -6.17 -11.64
N GLN A 23 4.27 -6.29 -12.72
CA GLN A 23 4.59 -7.64 -13.23
C GLN A 23 5.38 -8.43 -12.19
N LEU A 24 6.38 -7.81 -11.57
CA LEU A 24 7.16 -8.50 -10.55
C LEU A 24 6.28 -8.92 -9.38
N ILE A 25 5.38 -8.04 -8.93
CA ILE A 25 4.64 -8.27 -7.69
C ILE A 25 3.38 -9.10 -7.92
N GLN A 26 2.64 -8.79 -8.98
CA GLN A 26 1.30 -9.33 -9.18
C GLN A 26 1.20 -10.25 -10.41
N ASN A 27 2.24 -10.30 -11.23
CA ASN A 27 2.32 -11.22 -12.38
C ASN A 27 1.23 -10.97 -13.42
N HIS A 28 0.90 -9.70 -13.63
CA HIS A 28 -0.03 -9.36 -14.70
C HIS A 28 0.33 -8.02 -15.31
N PHE A 29 -0.22 -7.77 -16.48
CA PHE A 29 -0.06 -6.53 -17.23
C PHE A 29 -1.43 -6.11 -17.73
N VAL A 30 -1.79 -4.84 -17.50
CA VAL A 30 -2.95 -4.22 -18.12
C VAL A 30 -2.47 -2.98 -18.84
N ASP A 31 -2.91 -2.80 -20.09
CA ASP A 31 -2.46 -1.68 -20.91
C ASP A 31 -3.32 -0.45 -20.62
N GLU A 32 -3.09 0.11 -19.43
CA GLU A 32 -3.78 1.31 -18.98
CA GLU A 32 -3.77 1.31 -18.99
C GLU A 32 -2.77 2.23 -18.30
N TYR A 33 -2.92 3.53 -18.47
N TYR A 33 -2.95 3.53 -18.51
CA TYR A 33 -2.00 4.47 -17.81
CA TYR A 33 -2.17 4.53 -17.81
C TYR A 33 -2.64 4.98 -16.52
C TYR A 33 -2.75 4.73 -16.41
N ASP A 34 -1.87 4.90 -15.43
CA ASP A 34 -2.27 5.38 -14.11
C ASP A 34 -1.06 6.08 -13.53
N PRO A 35 -0.89 7.37 -13.81
CA PRO A 35 0.35 8.06 -13.44
C PRO A 35 0.63 8.01 -11.93
N THR A 36 1.85 7.63 -11.59
CA THR A 36 2.21 7.40 -10.20
C THR A 36 2.47 8.70 -9.44
N ILE A 37 2.07 8.72 -8.16
CA ILE A 37 2.61 9.68 -7.20
C ILE A 37 3.77 8.99 -6.48
N GLU A 38 3.48 7.91 -5.76
CA GLU A 38 4.52 7.10 -5.13
C GLU A 38 3.86 5.84 -4.61
N ASP A 39 4.51 4.69 -4.81
CA ASP A 39 4.01 3.44 -4.27
C ASP A 39 5.17 2.56 -3.85
N SER A 40 4.93 1.71 -2.84
CA SER A 40 5.94 0.80 -2.33
C SER A 40 5.39 -0.62 -2.26
N TYR A 41 6.24 -1.60 -2.55
CA TYR A 41 5.86 -3.00 -2.55
C TYR A 41 6.95 -3.84 -1.89
N ARG A 42 6.58 -5.04 -1.46
CA ARG A 42 7.51 -5.98 -0.87
C ARG A 42 7.31 -7.36 -1.48
N LYS A 43 8.40 -8.09 -1.67
CA LYS A 43 8.31 -9.46 -2.17
C LYS A 43 9.49 -10.27 -1.66
N GLN A 44 9.21 -11.48 -1.18
CA GLN A 44 10.26 -12.41 -0.78
C GLN A 44 10.60 -13.34 -1.95
N VAL A 45 11.89 -13.42 -2.27
CA VAL A 45 12.37 -14.23 -3.41
C VAL A 45 13.68 -14.88 -3.00
N VAL A 46 14.08 -15.88 -3.77
CA VAL A 46 15.40 -16.49 -3.63
C VAL A 46 16.21 -16.14 -4.86
N ILE A 47 17.38 -15.52 -4.66
CA ILE A 47 18.26 -15.13 -5.75
C ILE A 47 19.63 -15.72 -5.48
N ASP A 48 20.13 -16.53 -6.43
CA ASP A 48 21.42 -17.20 -6.27
C ASP A 48 21.48 -17.98 -4.97
N GLY A 49 20.37 -18.65 -4.62
CA GLY A 49 20.33 -19.49 -3.45
C GLY A 49 20.13 -18.78 -2.14
N GLU A 50 20.02 -17.45 -2.12
CA GLU A 50 19.95 -16.66 -0.91
C GLU A 50 18.60 -15.96 -0.85
N THR A 51 17.87 -16.16 0.24
CA THR A 51 16.53 -15.59 0.36
C THR A 51 16.63 -14.09 0.63
N CYS A 52 15.80 -13.33 -0.10
CA CYS A 52 15.85 -11.88 -0.15
C CYS A 52 14.44 -11.36 0.14
N LEU A 53 14.35 -10.29 0.92
CA LEU A 53 13.15 -9.48 0.98
C LEU A 53 13.40 -8.24 0.13
N LEU A 54 12.67 -8.12 -0.98
CA LEU A 54 12.81 -6.95 -1.84
C LEU A 54 11.82 -5.88 -1.40
N ASP A 55 12.34 -4.68 -1.13
CA ASP A 55 11.51 -3.50 -0.97
C ASP A 55 11.63 -2.74 -2.29
N ILE A 56 10.50 -2.47 -2.94
CA ILE A 56 10.52 -1.75 -4.21
CA ILE A 56 10.50 -1.77 -4.23
C ILE A 56 9.78 -0.44 -4.05
N LEU A 57 10.48 0.66 -4.32
CA LEU A 57 9.90 1.99 -4.34
C LEU A 57 9.68 2.38 -5.79
N ASP A 58 8.42 2.51 -6.17
CA ASP A 58 8.04 2.90 -7.53
C ASP A 58 7.84 4.41 -7.53
N THR A 59 8.76 5.15 -8.14
CA THR A 59 8.70 6.61 -8.12
C THR A 59 7.98 7.12 -9.35
N ALA A 60 7.53 8.37 -9.29
CA ALA A 60 6.97 9.07 -10.43
C ALA A 60 8.09 9.59 -11.32
N GLY A 61 7.82 9.64 -12.63
N GLY A 61 7.80 9.60 -12.63
CA GLY A 61 8.84 10.13 -13.55
CA GLY A 61 8.67 10.18 -13.64
C GLY A 61 9.19 11.60 -13.42
C GLY A 61 8.46 11.68 -13.79
N GLN A 62 8.42 12.37 -12.67
CA GLN A 62 8.57 13.82 -12.64
C GLN A 62 9.85 14.16 -11.89
N GLU A 63 10.38 15.37 -12.14
CA GLU A 63 11.66 15.74 -11.56
C GLU A 63 11.63 17.04 -10.76
N GLU A 64 10.44 17.53 -10.40
CA GLU A 64 10.37 18.54 -9.35
C GLU A 64 10.55 17.85 -8.00
N TYR A 65 10.42 18.60 -6.92
CA TYR A 65 10.52 18.06 -5.56
C TYR A 65 11.87 17.39 -5.33
N SER A 66 12.92 18.20 -5.45
CA SER A 66 14.27 17.66 -5.33
C SER A 66 14.56 17.13 -3.93
N ALA A 67 13.95 17.72 -2.88
CA ALA A 67 14.20 17.21 -1.53
C ALA A 67 13.68 15.78 -1.39
N MET A 68 12.52 15.50 -1.94
CA MET A 68 12.00 14.12 -1.91
C MET A 68 12.84 13.21 -2.79
N ARG A 69 13.22 13.66 -3.98
CA ARG A 69 14.02 12.81 -4.86
C ARG A 69 15.38 12.51 -4.24
N ASP A 70 16.00 13.50 -3.59
CA ASP A 70 17.25 13.25 -2.88
C ASP A 70 17.06 12.19 -1.80
N GLN A 71 15.96 12.25 -1.06
CA GLN A 71 15.74 11.26 -0.01
C GLN A 71 15.54 9.87 -0.58
N TYR A 72 14.82 9.76 -1.71
CA TYR A 72 14.69 8.46 -2.36
C TYR A 72 16.05 7.87 -2.66
N MET A 73 16.98 8.71 -3.10
CA MET A 73 18.28 8.22 -3.50
C MET A 73 19.15 7.89 -2.30
N ARG A 74 19.03 8.67 -1.22
CA ARG A 74 19.77 8.37 -0.01
C ARG A 74 19.37 7.02 0.57
N THR A 75 18.07 6.76 0.65
CA THR A 75 17.58 5.53 1.26
C THR A 75 17.79 4.32 0.35
N GLY A 76 17.69 4.50 -0.96
CA GLY A 76 17.77 3.36 -1.86
C GLY A 76 19.16 2.77 -1.92
N GLU A 77 19.22 1.45 -2.04
CA GLU A 77 20.51 0.76 -2.18
C GLU A 77 20.87 0.50 -3.62
N GLY A 78 19.89 0.36 -4.49
CA GLY A 78 20.14 0.12 -5.90
C GLY A 78 19.02 0.68 -6.72
N PHE A 79 19.33 1.02 -7.96
CA PHE A 79 18.42 1.79 -8.80
C PHE A 79 18.23 1.11 -10.14
N LEU A 80 16.97 0.87 -10.48
CA LEU A 80 16.58 0.43 -11.82
CA LEU A 80 16.59 0.43 -11.81
C LEU A 80 16.33 1.69 -12.63
N CYS A 81 17.20 1.97 -13.58
CA CYS A 81 17.10 3.19 -14.39
C CYS A 81 16.45 2.79 -15.71
N VAL A 82 15.18 3.14 -15.87
CA VAL A 82 14.34 2.63 -16.94
C VAL A 82 14.19 3.69 -18.03
N PHE A 83 14.36 3.30 -19.28
CA PHE A 83 13.92 4.08 -20.42
C PHE A 83 13.04 3.20 -21.29
N ALA A 84 12.35 3.79 -22.25
CA ALA A 84 11.54 3.04 -23.20
C ALA A 84 12.23 3.06 -24.56
N ILE A 85 12.31 1.89 -25.21
CA ILE A 85 13.05 1.79 -26.46
C ILE A 85 12.42 2.58 -27.60
N ASN A 86 11.20 3.07 -27.43
CA ASN A 86 10.51 3.90 -28.42
C ASN A 86 10.45 5.36 -27.99
N ASN A 87 11.32 5.78 -27.09
CA ASN A 87 11.31 7.15 -26.56
C ASN A 87 12.76 7.58 -26.39
N THR A 88 13.30 8.27 -27.40
CA THR A 88 14.70 8.66 -27.36
C THR A 88 14.98 9.63 -26.21
N LYS A 89 14.05 10.56 -25.94
CA LYS A 89 14.24 11.50 -24.84
C LYS A 89 14.42 10.75 -23.52
N SER A 90 13.68 9.66 -23.31
CA SER A 90 13.83 8.93 -22.06
C SER A 90 15.21 8.30 -21.93
N PHE A 91 15.81 7.91 -23.06
CA PHE A 91 17.18 7.40 -23.04
C PHE A 91 18.17 8.52 -22.77
N GLU A 92 17.94 9.70 -23.38
CA GLU A 92 18.81 10.84 -23.15
C GLU A 92 18.76 11.31 -21.70
N ASP A 93 17.66 11.01 -20.99
CA ASP A 93 17.55 11.41 -19.58
C ASP A 93 18.40 10.56 -18.65
N ILE A 94 18.84 9.38 -19.08
CA ILE A 94 19.45 8.41 -18.17
C ILE A 94 20.65 9.01 -17.45
N HIS A 95 21.53 9.70 -18.18
CA HIS A 95 22.75 10.19 -17.55
C HIS A 95 22.46 11.14 -16.39
N HIS A 96 21.35 11.87 -16.47
CA HIS A 96 20.97 12.77 -15.37
C HIS A 96 20.69 11.98 -14.10
N TYR A 97 20.04 10.82 -14.22
CA TYR A 97 19.78 9.99 -13.04
C TYR A 97 21.07 9.48 -12.42
N ARG A 98 22.00 9.00 -13.25
CA ARG A 98 23.26 8.52 -12.71
C ARG A 98 24.03 9.63 -12.00
N GLU A 99 24.05 10.83 -12.60
CA GLU A 99 24.71 11.97 -11.97
C GLU A 99 24.08 12.31 -10.61
N GLN A 100 22.74 12.32 -10.55
CA GLN A 100 22.06 12.65 -9.30
C GLN A 100 22.29 11.58 -8.23
N ILE A 101 22.25 10.30 -8.61
CA ILE A 101 22.47 9.24 -7.65
C ILE A 101 23.88 9.30 -7.08
N LYS A 102 24.89 9.52 -7.94
CA LYS A 102 26.27 9.60 -7.48
C LYS A 102 26.47 10.77 -6.53
N ARG A 103 25.85 11.91 -6.84
CA ARG A 103 25.97 13.10 -5.99
CA ARG A 103 25.98 13.09 -5.98
C ARG A 103 25.33 12.87 -4.63
N VAL A 104 24.07 12.39 -4.62
CA VAL A 104 23.33 12.22 -3.37
C VAL A 104 24.04 11.23 -2.46
N LYS A 105 24.54 10.14 -3.03
CA LYS A 105 25.15 9.06 -2.26
C LYS A 105 26.66 9.22 -2.11
N ASP A 106 27.23 10.31 -2.62
CA ASP A 106 28.64 10.63 -2.45
C ASP A 106 29.53 9.46 -2.89
N SER A 107 29.27 8.94 -4.09
CA SER A 107 30.00 7.77 -4.54
C SER A 107 30.00 7.72 -6.05
N GLU A 108 31.12 7.27 -6.63
CA GLU A 108 31.15 7.00 -8.06
C GLU A 108 30.68 5.60 -8.41
N ASP A 109 30.46 4.74 -7.42
CA ASP A 109 30.06 3.35 -7.62
C ASP A 109 28.77 3.13 -6.85
N VAL A 110 27.63 3.23 -7.54
CA VAL A 110 26.32 2.98 -6.93
C VAL A 110 25.65 1.88 -7.73
N PRO A 111 25.09 0.86 -7.08
CA PRO A 111 24.42 -0.23 -7.80
C PRO A 111 23.28 0.28 -8.66
N MET A 112 23.33 -0.05 -9.95
CA MET A 112 22.36 0.41 -10.93
C MET A 112 22.29 -0.62 -12.05
N VAL A 113 21.11 -0.73 -12.66
CA VAL A 113 20.91 -1.50 -13.88
C VAL A 113 20.17 -0.62 -14.87
N LEU A 114 20.64 -0.60 -16.10
CA LEU A 114 19.98 0.13 -17.17
C LEU A 114 18.96 -0.79 -17.82
N VAL A 115 17.70 -0.34 -17.88
CA VAL A 115 16.60 -1.15 -18.38
C VAL A 115 15.99 -0.45 -19.59
N GLY A 116 15.99 -1.15 -20.74
CA GLY A 116 15.28 -0.69 -21.92
C GLY A 116 13.95 -1.42 -22.04
N ASN A 117 12.86 -0.75 -21.65
CA ASN A 117 11.56 -1.38 -21.58
C ASN A 117 10.77 -1.17 -22.89
N LYS A 118 9.67 -1.93 -23.01
CA LYS A 118 8.75 -1.90 -24.14
C LYS A 118 9.36 -2.56 -25.38
N CYS A 119 10.19 -3.57 -25.17
CA CYS A 119 10.85 -4.21 -26.30
CA CYS A 119 10.84 -4.22 -26.30
C CYS A 119 9.90 -5.01 -27.19
N ASP A 120 8.64 -5.17 -26.78
CA ASP A 120 7.65 -5.82 -27.62
C ASP A 120 7.12 -4.92 -28.73
N LEU A 121 7.42 -3.59 -28.68
CA LEU A 121 6.80 -2.64 -29.59
C LEU A 121 7.57 -2.55 -30.89
N PRO A 122 6.89 -2.30 -32.01
CA PRO A 122 7.54 -2.20 -33.32
C PRO A 122 8.05 -0.82 -33.68
N SER A 123 8.07 0.11 -32.73
CA SER A 123 8.33 1.52 -32.97
C SER A 123 9.66 1.98 -32.37
N ARG A 124 10.66 1.09 -32.36
CA ARG A 124 11.92 1.39 -31.70
C ARG A 124 12.60 2.63 -32.27
N THR A 125 13.11 3.48 -31.36
CA THR A 125 13.96 4.60 -31.72
C THR A 125 15.35 4.55 -31.09
N VAL A 126 15.56 3.71 -30.09
CA VAL A 126 16.85 3.58 -29.41
C VAL A 126 17.41 2.20 -29.75
N ASP A 127 18.56 2.19 -30.41
CA ASP A 127 19.19 0.93 -30.80
C ASP A 127 19.80 0.23 -29.60
N THR A 128 19.72 -1.10 -29.61
CA THR A 128 20.32 -1.90 -28.54
C THR A 128 21.79 -1.57 -28.34
N LYS A 129 22.53 -1.43 -29.43
CA LYS A 129 23.96 -1.13 -29.33
C LYS A 129 24.20 0.18 -28.58
N GLN A 130 23.36 1.19 -28.85
CA GLN A 130 23.51 2.47 -28.17
C GLN A 130 23.37 2.30 -26.66
N ALA A 131 22.40 1.51 -26.22
CA ALA A 131 22.21 1.31 -24.78
C ALA A 131 23.31 0.43 -24.19
N GLN A 132 23.74 -0.60 -24.93
CA GLN A 132 24.87 -1.41 -24.48
C GLN A 132 26.12 -0.56 -24.31
N ASP A 133 26.39 0.32 -25.29
CA ASP A 133 27.57 1.18 -25.20
C ASP A 133 27.50 2.10 -24.00
N LEU A 134 26.32 2.68 -23.72
CA LEU A 134 26.19 3.54 -22.55
C LEU A 134 26.40 2.74 -21.26
N ALA A 135 25.79 1.56 -21.17
CA ALA A 135 25.96 0.74 -19.98
C ALA A 135 27.40 0.33 -19.78
N ARG A 136 28.10 -0.01 -20.88
CA ARG A 136 29.51 -0.36 -20.78
C ARG A 136 30.35 0.81 -20.27
N SER A 137 30.04 2.03 -20.72
CA SER A 137 30.78 3.19 -20.28
C SER A 137 30.60 3.44 -18.78
N TYR A 138 29.45 3.03 -18.22
CA TYR A 138 29.19 3.13 -16.80
C TYR A 138 29.68 1.91 -16.02
N GLY A 139 29.97 0.80 -16.70
CA GLY A 139 30.30 -0.42 -16.00
C GLY A 139 29.11 -1.05 -15.30
N ILE A 140 27.92 -0.95 -15.90
CA ILE A 140 26.71 -1.50 -15.28
C ILE A 140 26.01 -2.40 -16.29
N PRO A 141 25.15 -3.31 -15.81
CA PRO A 141 24.40 -4.17 -16.73
C PRO A 141 23.32 -3.42 -17.47
N PHE A 142 23.00 -3.94 -18.65
CA PHE A 142 21.87 -3.47 -19.46
C PHE A 142 20.99 -4.67 -19.78
N ILE A 143 19.68 -4.50 -19.58
CA ILE A 143 18.70 -5.55 -19.84
CA ILE A 143 18.72 -5.55 -19.87
C ILE A 143 17.53 -4.94 -20.59
N GLU A 144 17.12 -5.58 -21.68
CA GLU A 144 15.91 -5.20 -22.39
C GLU A 144 14.73 -5.96 -21.79
N THR A 145 13.61 -5.26 -21.61
CA THR A 145 12.45 -5.84 -20.95
C THR A 145 11.17 -5.50 -21.72
N SER A 146 10.13 -6.30 -21.45
CA SER A 146 8.76 -5.96 -21.80
C SER A 146 7.88 -6.31 -20.61
N ALA A 147 7.28 -5.28 -19.99
CA ALA A 147 6.26 -5.56 -18.98
C ALA A 147 5.04 -6.25 -19.58
N LYS A 148 4.81 -6.07 -20.88
CA LYS A 148 3.64 -6.68 -21.52
C LYS A 148 3.78 -8.19 -21.64
N THR A 149 4.95 -8.66 -22.10
CA THR A 149 5.16 -10.09 -22.28
C THR A 149 5.85 -10.74 -21.09
N ARG A 150 6.36 -9.93 -20.15
CA ARG A 150 7.15 -10.32 -18.99
C ARG A 150 8.61 -10.63 -19.32
N GLN A 151 9.03 -10.49 -20.57
CA GLN A 151 10.43 -10.71 -20.93
C GLN A 151 11.35 -9.84 -20.08
N GLY A 152 12.31 -10.48 -19.41
CA GLY A 152 13.36 -9.79 -18.72
C GLY A 152 12.99 -9.15 -17.40
N VAL A 153 11.73 -9.26 -16.96
CA VAL A 153 11.29 -8.55 -15.75
C VAL A 153 12.03 -9.07 -14.52
N ASP A 154 11.92 -10.38 -14.25
CA ASP A 154 12.64 -10.94 -13.11
C ASP A 154 14.13 -10.68 -13.22
N ASP A 155 14.67 -10.84 -14.44
CA ASP A 155 16.10 -10.64 -14.66
C ASP A 155 16.54 -9.24 -14.27
N ALA A 156 15.74 -8.22 -14.61
CA ALA A 156 16.11 -6.84 -14.29
C ALA A 156 16.25 -6.65 -12.79
N PHE A 157 15.23 -7.08 -12.04
CA PHE A 157 15.25 -6.89 -10.59
C PHE A 157 16.31 -7.77 -9.93
N TYR A 158 16.45 -9.02 -10.38
CA TYR A 158 17.42 -9.91 -9.75
C TYR A 158 18.85 -9.46 -10.03
N THR A 159 19.10 -8.98 -11.26
CA THR A 159 20.41 -8.43 -11.59
C THR A 159 20.75 -7.24 -10.71
N LEU A 160 19.75 -6.39 -10.41
CA LEU A 160 20.01 -5.27 -9.51
C LEU A 160 20.43 -5.75 -8.12
N VAL A 161 19.78 -6.79 -7.61
CA VAL A 161 20.19 -7.37 -6.33
C VAL A 161 21.62 -7.89 -6.42
N ARG A 162 21.96 -8.57 -7.52
CA ARG A 162 23.33 -9.05 -7.70
C ARG A 162 24.33 -7.89 -7.68
N GLU A 163 23.95 -6.76 -8.29
CA GLU A 163 24.82 -5.59 -8.30
C GLU A 163 25.00 -5.01 -6.90
N ILE A 164 23.93 -4.97 -6.11
CA ILE A 164 24.05 -4.51 -4.73
C ILE A 164 25.00 -5.43 -3.95
N ARG A 165 24.83 -6.75 -4.11
CA ARG A 165 25.68 -7.69 -3.39
C ARG A 165 27.15 -7.51 -3.78
N LYS A 166 27.42 -7.30 -5.09
CA LYS A 166 28.78 -7.05 -5.53
C LYS A 166 29.34 -5.77 -4.91
N HIS A 167 28.52 -4.73 -4.83
CA HIS A 167 28.97 -3.49 -4.22
C HIS A 167 29.28 -3.69 -2.74
N LYS A 168 28.45 -4.44 -2.03
CA LYS A 168 28.66 -4.68 -0.60
C LYS A 168 29.92 -5.48 -0.33
N GLU A 169 30.38 -6.28 -1.29
CA GLU A 169 31.61 -7.05 -1.10
C GLU A 169 32.84 -6.14 -1.05
N LYS A 170 32.75 -4.96 -1.66
CA LYS A 170 33.90 -4.05 -1.68
C LYS A 170 34.26 -3.51 -0.30
N SER B 1 16.77 20.01 3.75
CA SER B 1 16.69 18.58 3.44
C SER B 1 15.92 17.83 4.52
N MET B 2 15.59 16.58 4.25
CA MET B 2 14.88 15.75 5.21
C MET B 2 15.75 14.55 5.59
N THR B 3 15.23 13.77 6.54
CA THR B 3 15.87 12.55 7.03
C THR B 3 14.77 11.50 7.16
N GLU B 4 15.07 10.27 6.75
CA GLU B 4 14.11 9.17 6.81
C GLU B 4 14.41 8.27 8.01
N TYR B 5 13.35 7.81 8.68
CA TYR B 5 13.47 6.97 9.87
C TYR B 5 12.68 5.69 9.67
N LYS B 6 13.33 4.54 9.85
CA LYS B 6 12.70 3.23 9.68
C LYS B 6 12.26 2.72 11.06
N LEU B 7 10.99 2.95 11.38
CA LEU B 7 10.43 2.58 12.67
C LEU B 7 9.69 1.25 12.54
N VAL B 8 9.79 0.42 13.57
CA VAL B 8 9.13 -0.88 13.58
C VAL B 8 8.31 -0.98 14.86
N VAL B 9 7.03 -1.31 14.73
CA VAL B 9 6.12 -1.44 15.87
C VAL B 9 5.92 -2.92 16.17
N VAL B 10 6.27 -3.35 17.39
CA VAL B 10 6.20 -4.74 17.81
C VAL B 10 5.44 -4.84 19.13
N GLY B 11 4.95 -6.05 19.41
CA GLY B 11 4.19 -6.29 20.62
C GLY B 11 3.14 -7.37 20.38
N ALA B 12 2.59 -7.87 21.49
CA ALA B 12 1.66 -8.99 21.44
C ALA B 12 0.39 -8.64 20.66
N ASP B 13 -0.31 -9.68 20.20
N ASP B 13 -0.32 -9.68 20.27
CA ASP B 13 -1.50 -9.41 19.39
CA ASP B 13 -1.58 -9.50 19.56
C ASP B 13 -2.57 -8.72 20.22
C ASP B 13 -2.50 -8.57 20.34
N GLY B 14 -3.20 -7.71 19.62
CA GLY B 14 -4.28 -6.96 20.21
C GLY B 14 -3.89 -5.81 21.11
N VAL B 15 -2.59 -5.50 21.25
CA VAL B 15 -2.20 -4.43 22.16
C VAL B 15 -2.48 -3.04 21.59
N GLY B 16 -2.70 -2.94 20.28
CA GLY B 16 -2.98 -1.68 19.64
C GLY B 16 -1.88 -1.14 18.73
N LYS B 17 -1.00 -2.01 18.21
CA LYS B 17 0.05 -1.56 17.29
C LYS B 17 -0.53 -0.86 16.08
N SER B 18 -1.54 -1.46 15.46
CA SER B 18 -2.14 -0.85 14.27
C SER B 18 -2.93 0.40 14.63
N ALA B 19 -3.70 0.34 15.71
CA ALA B 19 -4.48 1.50 16.12
C ALA B 19 -3.57 2.69 16.39
N LEU B 20 -2.40 2.47 17.02
CA LEU B 20 -1.47 3.56 17.28
C LEU B 20 -0.93 4.13 15.99
N THR B 21 -0.54 3.26 15.06
CA THR B 21 0.02 3.69 13.79
C THR B 21 -1.01 4.45 12.97
N ILE B 22 -2.25 3.96 12.95
CA ILE B 22 -3.30 4.61 12.17
C ILE B 22 -3.68 5.95 12.78
N GLN B 23 -3.66 6.05 14.12
CA GLN B 23 -3.90 7.34 14.75
C GLN B 23 -2.81 8.34 14.38
N LEU B 24 -1.54 7.91 14.41
CA LEU B 24 -0.45 8.79 14.03
C LEU B 24 -0.58 9.24 12.59
N ILE B 25 -0.86 8.31 11.69
CA ILE B 25 -0.79 8.58 10.26
C ILE B 25 -2.07 9.23 9.76
N GLN B 26 -3.23 8.68 10.13
CA GLN B 26 -4.51 9.08 9.54
C GLN B 26 -5.44 9.78 10.53
N ASN B 27 -5.03 9.94 11.79
CA ASN B 27 -5.75 10.75 12.77
C ASN B 27 -7.17 10.25 13.03
N HIS B 28 -7.34 8.92 13.07
CA HIS B 28 -8.63 8.36 13.46
C HIS B 28 -8.43 7.04 14.17
N PHE B 29 -9.49 6.61 14.87
CA PHE B 29 -9.54 5.39 15.65
C PHE B 29 -10.86 4.69 15.39
N VAL B 30 -10.83 3.36 15.35
CA VAL B 30 -12.04 2.53 15.28
C VAL B 30 -11.87 1.36 16.24
N ASP B 31 -12.98 0.98 16.89
CA ASP B 31 -12.97 -0.12 17.85
C ASP B 31 -12.79 -1.49 17.20
N GLU B 32 -12.94 -1.60 15.89
CA GLU B 32 -12.95 -2.91 15.24
C GLU B 32 -11.54 -3.47 15.13
N TYR B 33 -11.41 -4.77 15.36
CA TYR B 33 -10.13 -5.45 15.29
C TYR B 33 -9.96 -6.02 13.89
N ASP B 34 -8.91 -5.59 13.18
CA ASP B 34 -8.54 -6.12 11.87
C ASP B 34 -7.14 -6.70 12.02
N PRO B 35 -7.01 -8.00 12.28
CA PRO B 35 -5.70 -8.55 12.63
C PRO B 35 -4.71 -8.37 11.48
N THR B 36 -3.51 -7.91 11.84
CA THR B 36 -2.48 -7.57 10.85
C THR B 36 -1.73 -8.82 10.39
N ILE B 37 -1.38 -8.84 9.11
CA ILE B 37 -0.33 -9.71 8.59
C ILE B 37 0.95 -8.90 8.56
N GLU B 38 0.97 -7.83 7.77
CA GLU B 38 2.10 -6.90 7.74
C GLU B 38 1.66 -5.68 6.95
N ASP B 39 1.89 -4.47 7.47
CA ASP B 39 1.56 -3.25 6.74
C ASP B 39 2.67 -2.23 6.91
N SER B 40 2.79 -1.33 5.93
CA SER B 40 3.78 -0.26 5.96
C SER B 40 3.11 1.07 5.67
N TYR B 41 3.57 2.12 6.35
CA TYR B 41 3.03 3.47 6.20
C TYR B 41 4.17 4.46 6.06
N ARG B 42 3.97 5.49 5.27
CA ARG B 42 4.97 6.54 5.08
C ARG B 42 4.32 7.89 5.23
N LYS B 43 4.97 8.80 5.96
CA LYS B 43 4.41 10.12 6.15
C LYS B 43 5.53 11.11 6.47
N GLN B 44 5.44 12.29 5.87
CA GLN B 44 6.35 13.38 6.16
C GLN B 44 5.80 14.18 7.34
N VAL B 45 6.64 14.41 8.35
CA VAL B 45 6.27 15.19 9.52
C VAL B 45 7.44 16.10 9.89
N VAL B 46 7.15 17.12 10.68
CA VAL B 46 8.19 17.99 11.23
C VAL B 46 8.34 17.67 12.71
N ILE B 47 9.56 17.36 13.13
CA ILE B 47 9.87 17.04 14.53
C ILE B 47 11.03 17.93 14.95
N ASP B 48 10.78 18.79 15.95
CA ASP B 48 11.82 19.71 16.45
C ASP B 48 12.40 20.55 15.32
N GLY B 49 11.53 21.02 14.43
CA GLY B 49 11.94 21.89 13.35
C GLY B 49 12.62 21.20 12.17
N GLU B 50 12.76 19.87 12.20
CA GLU B 50 13.41 19.15 11.12
C GLU B 50 12.38 18.31 10.37
N THR B 51 12.46 18.31 9.05
CA THR B 51 11.54 17.52 8.24
C THR B 51 11.96 16.06 8.27
N CYS B 52 11.04 15.18 8.66
CA CYS B 52 11.31 13.75 8.79
C CYS B 52 10.34 12.96 7.92
N LEU B 53 10.87 11.95 7.25
CA LEU B 53 10.05 11.01 6.53
C LEU B 53 9.98 9.74 7.39
N LEU B 54 8.82 9.51 7.97
CA LEU B 54 8.63 8.33 8.82
C LEU B 54 8.18 7.17 7.95
N ASP B 55 8.91 6.08 8.03
CA ASP B 55 8.50 4.82 7.45
C ASP B 55 8.20 3.90 8.62
N ILE B 56 6.96 3.45 8.72
CA ILE B 56 6.51 2.68 9.87
C ILE B 56 6.11 1.29 9.40
N LEU B 57 6.79 0.28 9.93
CA LEU B 57 6.45 -1.12 9.68
C LEU B 57 5.58 -1.62 10.83
N ASP B 58 4.31 -1.93 10.52
CA ASP B 58 3.32 -2.38 11.50
C ASP B 58 3.32 -3.91 11.41
N THR B 59 3.93 -4.56 12.41
CA THR B 59 4.04 -6.02 12.41
C THR B 59 2.85 -6.67 13.10
N ALA B 60 2.66 -7.97 12.82
CA ALA B 60 1.68 -8.78 13.53
C ALA B 60 2.26 -9.25 14.87
N GLY B 61 1.38 -9.30 15.87
N GLY B 61 1.39 -9.47 15.85
CA GLY B 61 1.69 -9.97 17.12
CA GLY B 61 1.85 -9.90 17.16
C GLY B 61 1.53 -11.46 16.95
C GLY B 61 2.23 -11.36 17.38
N GLN B 62 2.51 -12.09 16.31
CA GLN B 62 2.62 -13.54 16.31
C GLN B 62 4.04 -13.96 16.71
N GLU B 63 4.19 -15.23 17.11
CA GLU B 63 5.49 -15.67 17.60
C GLU B 63 5.98 -16.95 16.93
N GLU B 64 5.57 -17.23 15.69
CA GLU B 64 6.00 -18.49 15.07
C GLU B 64 6.72 -18.35 13.74
N TYR B 65 7.07 -17.14 13.30
CA TYR B 65 7.82 -16.91 12.06
C TYR B 65 9.06 -16.10 12.40
N SER B 66 10.04 -16.78 13.00
CA SER B 66 11.19 -16.07 13.56
C SER B 66 12.14 -15.55 12.49
N ALA B 67 12.22 -16.21 11.33
CA ALA B 67 13.04 -15.67 10.26
C ALA B 67 12.54 -14.30 9.82
N MET B 68 11.22 -14.17 9.63
CA MET B 68 10.64 -12.87 9.29
C MET B 68 10.85 -11.86 10.41
N ARG B 69 10.52 -12.26 11.64
CA ARG B 69 10.70 -11.40 12.80
C ARG B 69 12.13 -10.86 12.86
N ASP B 70 13.11 -11.74 12.69
CA ASP B 70 14.50 -11.30 12.77
C ASP B 70 14.81 -10.30 11.67
N GLN B 71 14.27 -10.51 10.46
CA GLN B 71 14.54 -9.56 9.39
C GLN B 71 13.95 -8.19 9.71
N TYR B 72 12.74 -8.15 10.26
CA TYR B 72 12.18 -6.87 10.69
C TYR B 72 13.13 -6.15 11.63
N MET B 73 13.73 -6.89 12.56
CA MET B 73 14.63 -6.28 13.52
C MET B 73 15.98 -5.92 12.90
N ARG B 74 16.42 -6.68 11.90
CA ARG B 74 17.71 -6.38 11.29
CA ARG B 74 17.70 -6.39 11.26
C ARG B 74 17.69 -5.03 10.59
N THR B 75 16.62 -4.73 9.87
CA THR B 75 16.46 -3.51 9.07
CA THR B 75 16.63 -3.46 9.14
C THR B 75 15.96 -2.32 9.90
N GLY B 76 15.20 -2.58 10.95
CA GLY B 76 14.58 -1.49 11.69
C GLY B 76 15.63 -0.64 12.39
N GLU B 77 15.40 0.68 12.36
CA GLU B 77 16.31 1.59 13.05
C GLU B 77 15.89 1.88 14.47
N GLY B 78 14.60 1.78 14.77
CA GLY B 78 14.11 1.97 16.12
C GLY B 78 12.83 1.20 16.29
N PHE B 79 12.54 0.82 17.54
CA PHE B 79 11.44 -0.08 17.83
C PHE B 79 10.49 0.52 18.85
N LEU B 80 9.21 0.53 18.51
CA LEU B 80 8.15 0.84 19.47
CA LEU B 80 8.15 0.83 19.47
C LEU B 80 7.68 -0.51 20.02
N CYS B 81 7.97 -0.76 21.30
CA CYS B 81 7.63 -2.03 21.95
C CYS B 81 6.39 -1.80 22.79
N VAL B 82 5.26 -2.32 22.31
CA VAL B 82 3.94 -1.97 22.82
C VAL B 82 3.39 -3.12 23.66
N PHE B 83 2.92 -2.79 24.86
CA PHE B 83 2.02 -3.68 25.60
C PHE B 83 0.74 -2.92 25.89
N ALA B 84 -0.29 -3.62 26.36
CA ALA B 84 -1.53 -2.97 26.79
C ALA B 84 -1.62 -2.98 28.30
N ILE B 85 -2.02 -1.84 28.88
CA ILE B 85 -2.04 -1.71 30.33
C ILE B 85 -3.03 -2.62 31.01
N ASN B 86 -3.93 -3.24 30.24
CA ASN B 86 -4.92 -4.17 30.78
C ASN B 86 -4.68 -5.60 30.31
N ASN B 87 -3.44 -5.93 29.95
CA ASN B 87 -3.07 -7.26 29.46
C ASN B 87 -1.70 -7.56 30.07
N THR B 88 -1.71 -8.24 31.22
CA THR B 88 -0.46 -8.52 31.92
C THR B 88 0.47 -9.39 31.09
N LYS B 89 -0.08 -10.38 30.38
CA LYS B 89 0.75 -11.22 29.53
C LYS B 89 1.51 -10.40 28.51
N SER B 90 0.86 -9.37 27.93
CA SER B 90 1.56 -8.56 26.94
C SER B 90 2.71 -7.77 27.55
N PHE B 91 2.60 -7.42 28.83
CA PHE B 91 3.73 -6.79 29.52
C PHE B 91 4.81 -7.82 29.80
N GLU B 92 4.44 -9.04 30.20
CA GLU B 92 5.43 -10.09 30.41
C GLU B 92 6.18 -10.45 29.14
N ASP B 93 5.59 -10.19 27.97
CA ASP B 93 6.26 -10.48 26.70
C ASP B 93 7.36 -9.47 26.38
N ILE B 94 7.35 -8.30 27.02
CA ILE B 94 8.24 -7.20 26.61
C ILE B 94 9.70 -7.62 26.64
N HIS B 95 10.12 -8.29 27.72
CA HIS B 95 11.53 -8.65 27.82
C HIS B 95 11.96 -9.58 26.70
N HIS B 96 11.04 -10.40 26.17
CA HIS B 96 11.38 -11.24 25.03
C HIS B 96 11.70 -10.39 23.80
N TYR B 97 10.91 -9.33 23.56
CA TYR B 97 11.20 -8.44 22.45
C TYR B 97 12.55 -7.78 22.60
N ARG B 98 12.87 -7.30 23.80
CA ARG B 98 14.16 -6.65 23.98
C ARG B 98 15.30 -7.65 23.77
N GLU B 99 15.16 -8.86 24.30
CA GLU B 99 16.18 -9.89 24.09
C GLU B 99 16.37 -10.20 22.61
N GLN B 100 15.26 -10.31 21.87
CA GLN B 100 15.35 -10.64 20.44
C GLN B 100 15.99 -9.50 19.65
N ILE B 101 15.64 -8.26 19.98
CA ILE B 101 16.25 -7.12 19.30
C ILE B 101 17.76 -7.08 19.56
N LYS B 102 18.16 -7.26 20.82
CA LYS B 102 19.59 -7.25 21.15
C LYS B 102 20.34 -8.36 20.43
N ARG B 103 19.72 -9.54 20.33
CA ARG B 103 20.33 -10.69 19.68
C ARG B 103 20.55 -10.42 18.19
N VAL B 104 19.53 -9.90 17.51
CA VAL B 104 19.61 -9.68 16.07
C VAL B 104 20.58 -8.53 15.75
N LYS B 105 20.51 -7.44 16.52
CA LYS B 105 21.40 -6.30 16.35
C LYS B 105 22.79 -6.57 16.91
N ASP B 106 22.95 -7.63 17.69
CA ASP B 106 24.22 -7.92 18.38
C ASP B 106 24.72 -6.70 19.14
N SER B 107 23.83 -6.11 19.93
CA SER B 107 24.15 -4.89 20.64
C SER B 107 23.25 -4.72 21.85
N GLU B 108 23.78 -4.05 22.86
CA GLU B 108 22.99 -3.65 24.03
C GLU B 108 22.40 -2.26 23.90
N ASP B 109 22.70 -1.54 22.82
CA ASP B 109 22.31 -0.14 22.65
C ASP B 109 21.52 -0.04 21.34
N VAL B 110 20.21 -0.23 21.42
CA VAL B 110 19.35 -0.16 20.25
C VAL B 110 18.21 0.82 20.53
N PRO B 111 17.92 1.77 19.63
CA PRO B 111 16.83 2.73 19.88
C PRO B 111 15.50 2.02 20.05
N MET B 112 14.84 2.27 21.19
CA MET B 112 13.59 1.60 21.54
C MET B 112 12.83 2.49 22.51
N VAL B 113 11.51 2.42 22.45
CA VAL B 113 10.61 3.10 23.39
C VAL B 113 9.59 2.07 23.85
N LEU B 114 9.38 2.00 25.17
CA LEU B 114 8.36 1.13 25.75
C LEU B 114 7.05 1.91 25.81
N VAL B 115 5.99 1.32 25.27
CA VAL B 115 4.69 1.98 25.17
C VAL B 115 3.66 1.14 25.89
N GLY B 116 2.98 1.73 26.89
CA GLY B 116 1.85 1.11 27.54
C GLY B 116 0.57 1.70 26.99
N ASN B 117 -0.08 0.97 26.09
CA ASN B 117 -1.22 1.46 25.35
C ASN B 117 -2.53 1.11 26.05
N LYS B 118 -3.62 1.71 25.56
CA LYS B 118 -4.96 1.56 26.12
C LYS B 118 -5.09 2.20 27.50
N CYS B 119 -4.36 3.29 27.73
CA CYS B 119 -4.39 3.91 29.06
C CYS B 119 -5.72 4.59 29.36
N ASP B 120 -6.62 4.68 28.38
CA ASP B 120 -7.96 5.20 28.62
C ASP B 120 -8.87 4.20 29.33
N LEU B 121 -8.47 2.91 29.41
CA LEU B 121 -9.41 1.90 29.88
C LEU B 121 -9.37 1.76 31.40
N PRO B 122 -10.53 1.50 32.02
CA PRO B 122 -10.61 1.39 33.48
C PRO B 122 -10.36 -0.02 33.99
N SER B 123 -9.67 -0.83 33.19
CA SER B 123 -9.42 -2.23 33.51
C SER B 123 -7.93 -2.52 33.67
N ARG B 124 -7.17 -1.55 34.17
CA ARG B 124 -5.72 -1.70 34.26
C ARG B 124 -5.33 -2.92 35.09
N THR B 125 -4.34 -3.66 34.57
CA THR B 125 -3.69 -4.72 35.32
C THR B 125 -2.19 -4.51 35.48
N VAL B 126 -1.56 -3.63 34.72
CA VAL B 126 -0.13 -3.37 34.81
C VAL B 126 0.05 -1.97 35.41
N ASP B 127 0.72 -1.90 36.55
CA ASP B 127 0.95 -0.61 37.20
C ASP B 127 1.94 0.22 36.41
N THR B 128 1.68 1.54 36.34
CA THR B 128 2.62 2.44 35.70
C THR B 128 4.02 2.30 36.27
N LYS B 129 4.15 2.19 37.60
CA LYS B 129 5.47 2.07 38.21
C LYS B 129 6.22 0.83 37.72
N GLN B 130 5.50 -0.29 37.55
CA GLN B 130 6.15 -1.50 37.05
C GLN B 130 6.79 -1.25 35.70
N ALA B 131 6.07 -0.58 34.80
CA ALA B 131 6.58 -0.34 33.46
C ALA B 131 7.68 0.71 33.49
N GLN B 132 7.52 1.76 34.30
CA GLN B 132 8.59 2.76 34.46
C GLN B 132 9.88 2.11 34.93
N ASP B 133 9.78 1.23 35.92
CA ASP B 133 10.98 0.62 36.47
C ASP B 133 11.64 -0.30 35.43
N LEU B 134 10.84 -1.03 34.65
CA LEU B 134 11.42 -1.88 33.62
C LEU B 134 12.14 -1.05 32.57
N ALA B 135 11.51 0.02 32.09
CA ALA B 135 12.16 0.87 31.11
C ALA B 135 13.44 1.49 31.67
N ARG B 136 13.40 1.91 32.94
CA ARG B 136 14.60 2.46 33.56
C ARG B 136 15.71 1.43 33.60
N SER B 137 15.37 0.16 33.87
CA SER B 137 16.39 -0.89 33.91
C SER B 137 17.02 -1.13 32.55
N TYR B 138 16.28 -0.87 31.47
CA TYR B 138 16.77 -1.01 30.11
C TYR B 138 17.45 0.24 29.59
N GLY B 139 17.30 1.36 30.28
CA GLY B 139 17.81 2.62 29.78
C GLY B 139 17.03 3.23 28.64
N ILE B 140 15.72 3.01 28.58
CA ILE B 140 14.91 3.47 27.44
C ILE B 140 13.73 4.27 27.96
N PRO B 141 13.16 5.13 27.11
CA PRO B 141 11.95 5.87 27.50
C PRO B 141 10.73 4.97 27.62
N PHE B 142 9.80 5.41 28.45
CA PHE B 142 8.50 4.77 28.62
C PHE B 142 7.42 5.83 28.51
N ILE B 143 6.33 5.50 27.82
CA ILE B 143 5.20 6.41 27.72
C ILE B 143 3.92 5.60 27.69
N GLU B 144 2.88 6.11 28.35
CA GLU B 144 1.55 5.53 28.25
C GLU B 144 0.78 6.26 27.15
N THR B 145 0.03 5.48 26.36
CA THR B 145 -0.68 6.02 25.21
C THR B 145 -2.11 5.53 25.20
N SER B 146 -2.94 6.25 24.46
CA SER B 146 -4.25 5.74 24.06
C SER B 146 -4.46 6.05 22.59
N ALA B 147 -4.56 5.01 21.76
CA ALA B 147 -4.93 5.22 20.37
C ALA B 147 -6.34 5.77 20.24
N LYS B 148 -7.18 5.57 21.27
CA LYS B 148 -8.56 6.06 21.22
C LYS B 148 -8.64 7.55 21.50
N THR B 149 -7.99 8.02 22.57
CA THR B 149 -8.06 9.43 22.93
C THR B 149 -6.94 10.26 22.30
N ARG B 150 -5.96 9.61 21.68
CA ARG B 150 -4.75 10.19 21.10
C ARG B 150 -3.71 10.58 22.16
N GLN B 151 -3.97 10.37 23.44
CA GLN B 151 -2.97 10.66 24.47
C GLN B 151 -1.65 9.98 24.16
N GLY B 152 -0.58 10.78 24.09
CA GLY B 152 0.75 10.23 23.96
C GLY B 152 1.15 9.68 22.61
N VAL B 153 0.25 9.67 21.62
CA VAL B 153 0.55 8.98 20.36
C VAL B 153 1.70 9.65 19.62
N ASP B 154 1.56 10.95 19.34
CA ASP B 154 2.66 11.65 18.67
C ASP B 154 3.93 11.57 19.50
N ASP B 155 3.80 11.77 20.82
CA ASP B 155 4.99 11.79 21.67
C ASP B 155 5.72 10.45 21.63
N ALA B 156 4.98 9.34 21.54
CA ALA B 156 5.62 8.03 21.50
C ALA B 156 6.50 7.88 20.26
N PHE B 157 5.93 8.18 19.08
CA PHE B 157 6.70 8.05 17.84
C PHE B 157 7.81 9.10 17.77
N TYR B 158 7.54 10.33 18.22
CA TYR B 158 8.57 11.36 18.14
C TYR B 158 9.70 11.08 19.11
N THR B 159 9.38 10.54 20.30
CA THR B 159 10.43 10.12 21.23
C THR B 159 11.33 9.06 20.59
N LEU B 160 10.74 8.13 19.83
CA LEU B 160 11.55 7.12 19.17
C LEU B 160 12.46 7.74 18.13
N VAL B 161 11.96 8.69 17.33
CA VAL B 161 12.83 9.41 16.40
C VAL B 161 13.98 10.08 17.14
N ARG B 162 13.69 10.71 18.29
CA ARG B 162 14.75 11.36 19.05
C ARG B 162 15.77 10.36 19.55
N GLU B 163 15.32 9.16 19.93
CA GLU B 163 16.25 8.10 20.34
C GLU B 163 17.14 7.66 19.19
N ILE B 164 16.59 7.56 17.98
CA ILE B 164 17.41 7.19 16.82
C ILE B 164 18.45 8.28 16.55
N ARG B 165 18.01 9.55 16.58
CA ARG B 165 18.94 10.66 16.37
CA ARG B 165 18.94 10.66 16.37
C ARG B 165 20.09 10.60 17.36
N LYS B 166 19.77 10.43 18.65
CA LYS B 166 20.80 10.38 19.68
C LYS B 166 21.77 9.24 19.39
N HIS B 167 21.25 8.08 19.03
CA HIS B 167 22.09 6.91 18.80
C HIS B 167 23.01 7.13 17.61
N LYS B 168 22.47 7.66 16.51
CA LYS B 168 23.29 7.82 15.30
C LYS B 168 24.32 8.94 15.44
N GLU B 169 24.07 9.94 16.29
CA GLU B 169 24.96 11.09 16.42
C GLU B 169 26.00 10.95 17.52
N LYS B 170 25.99 9.85 18.26
CA LYS B 170 26.97 9.58 19.31
C LYS B 170 28.39 9.41 18.76
N ASN C 4 -16.88 -41.10 3.24
CA ASN C 4 -16.55 -39.70 3.47
C ASN C 4 -17.46 -38.78 2.68
N PRO C 5 -18.08 -37.82 3.36
CA PRO C 5 -18.97 -36.88 2.67
C PRO C 5 -18.21 -35.94 1.75
N THR C 6 -18.94 -35.44 0.75
CA THR C 6 -18.43 -34.44 -0.18
CA THR C 6 -18.42 -34.43 -0.16
C THR C 6 -19.31 -33.20 -0.08
N VAL C 7 -18.67 -32.04 -0.01
CA VAL C 7 -19.40 -30.77 0.00
C VAL C 7 -18.86 -29.87 -1.11
N PHE C 8 -19.64 -28.87 -1.48
CA PHE C 8 -19.24 -27.94 -2.52
C PHE C 8 -19.39 -26.50 -2.05
N PHE C 9 -18.53 -25.63 -2.59
CA PHE C 9 -18.68 -24.18 -2.50
C PHE C 9 -18.78 -23.68 -3.93
N ASP C 10 -19.78 -22.86 -4.21
CA ASP C 10 -19.81 -22.04 -5.41
C ASP C 10 -19.20 -20.69 -5.07
N ILE C 11 -18.04 -20.41 -5.63
CA ILE C 11 -17.27 -19.22 -5.31
C ILE C 11 -17.70 -18.09 -6.24
N ALA C 12 -17.80 -16.88 -5.70
CA ALA C 12 -18.14 -15.69 -6.47
C ALA C 12 -17.12 -14.58 -6.24
N VAL C 13 -17.00 -13.73 -7.24
CA VAL C 13 -16.09 -12.58 -7.25
C VAL C 13 -16.97 -11.34 -7.41
N ASP C 14 -17.07 -10.52 -6.36
CA ASP C 14 -18.02 -9.40 -6.36
C ASP C 14 -19.41 -9.85 -6.83
N GLY C 15 -19.83 -11.03 -6.39
CA GLY C 15 -21.14 -11.56 -6.72
C GLY C 15 -21.23 -12.36 -8.00
N GLU C 16 -20.21 -12.32 -8.87
CA GLU C 16 -20.28 -13.04 -10.14
C GLU C 16 -19.69 -14.43 -9.98
N PRO C 17 -20.36 -15.46 -10.48
CA PRO C 17 -19.83 -16.83 -10.31
C PRO C 17 -18.42 -16.96 -10.87
N LEU C 18 -17.54 -17.55 -10.06
CA LEU C 18 -16.20 -17.89 -10.51
C LEU C 18 -16.09 -19.37 -10.88
N GLY C 19 -16.51 -20.25 -9.99
CA GLY C 19 -16.49 -21.67 -10.26
C GLY C 19 -16.78 -22.42 -8.98
N ARG C 20 -16.82 -23.74 -9.10
CA ARG C 20 -17.17 -24.61 -7.97
C ARG C 20 -15.92 -25.30 -7.46
N VAL C 21 -15.80 -25.39 -6.13
CA VAL C 21 -14.78 -26.21 -5.48
C VAL C 21 -15.53 -27.27 -4.66
N SER C 22 -15.14 -28.53 -4.81
CA SER C 22 -15.70 -29.58 -3.97
C SER C 22 -14.60 -30.14 -3.07
N PHE C 23 -15.02 -30.68 -1.93
CA PHE C 23 -14.09 -31.17 -0.93
C PHE C 23 -14.53 -32.55 -0.46
N GLU C 24 -13.57 -33.45 -0.28
CA GLU C 24 -13.78 -34.66 0.49
C GLU C 24 -13.47 -34.36 1.94
N LEU C 25 -14.38 -34.71 2.84
CA LEU C 25 -14.18 -34.50 4.26
C LEU C 25 -13.82 -35.83 4.92
N PHE C 26 -12.73 -35.84 5.67
CA PHE C 26 -12.17 -37.10 6.19
C PHE C 26 -12.89 -37.51 7.48
N ALA C 27 -14.19 -37.81 7.32
CA ALA C 27 -14.97 -38.29 8.46
C ALA C 27 -14.41 -39.60 9.02
N ASP C 28 -13.70 -40.36 8.19
CA ASP C 28 -13.13 -41.63 8.64
C ASP C 28 -12.00 -41.45 9.65
N LYS C 29 -11.30 -40.33 9.61
CA LYS C 29 -10.19 -40.09 10.52
C LYS C 29 -10.40 -38.93 11.47
N VAL C 30 -11.24 -37.96 11.11
CA VAL C 30 -11.43 -36.76 11.90
C VAL C 30 -12.93 -36.48 11.97
N PRO C 31 -13.73 -37.37 12.59
CA PRO C 31 -15.20 -37.26 12.44
C PRO C 31 -15.82 -35.99 13.00
N LYS C 32 -15.41 -35.54 14.19
CA LYS C 32 -16.07 -34.37 14.77
C LYS C 32 -15.79 -33.13 13.94
N THR C 33 -14.55 -32.99 13.48
CA THR C 33 -14.17 -31.81 12.69
C THR C 33 -14.81 -31.87 11.31
N ALA C 34 -14.81 -33.03 10.67
CA ALA C 34 -15.50 -33.17 9.39
C ALA C 34 -16.99 -32.86 9.51
N GLU C 35 -17.63 -33.36 10.58
CA GLU C 35 -19.07 -33.13 10.74
C GLU C 35 -19.39 -31.66 10.92
N ASN C 36 -18.56 -30.92 11.66
CA ASN C 36 -18.75 -29.48 11.80
C ASN C 36 -18.75 -28.80 10.43
N PHE C 37 -17.73 -29.09 9.61
CA PHE C 37 -17.64 -28.42 8.32
C PHE C 37 -18.79 -28.81 7.42
N ARG C 38 -19.19 -30.09 7.44
CA ARG C 38 -20.31 -30.55 6.63
C ARG C 38 -21.58 -29.81 6.98
N ALA C 39 -21.90 -29.74 8.28
CA ALA C 39 -23.12 -29.08 8.72
C ALA C 39 -23.09 -27.59 8.44
N LEU C 40 -21.94 -26.94 8.59
CA LEU C 40 -21.84 -25.53 8.25
C LEU C 40 -22.01 -25.30 6.75
N SER C 41 -21.64 -26.29 5.93
CA SER C 41 -21.80 -26.18 4.49
C SER C 41 -23.24 -26.37 4.05
N THR C 42 -24.01 -27.20 4.75
CA THR C 42 -25.41 -27.34 4.39
C THR C 42 -26.28 -26.27 5.01
N GLY C 43 -25.82 -25.64 6.09
CA GLY C 43 -26.62 -24.66 6.80
C GLY C 43 -27.73 -25.26 7.63
N GLU C 44 -27.69 -26.57 7.90
CA GLU C 44 -28.82 -27.25 8.52
C GLU C 44 -29.04 -26.87 9.98
N LYS C 45 -28.03 -26.29 10.65
CA LYS C 45 -28.24 -25.80 12.01
C LYS C 45 -28.86 -24.40 12.05
N GLY C 46 -29.05 -23.76 10.91
CA GLY C 46 -29.56 -22.41 10.87
C GLY C 46 -28.50 -21.34 10.67
N PHE C 47 -27.25 -21.73 10.46
CA PHE C 47 -26.15 -20.80 10.22
C PHE C 47 -25.07 -21.58 9.47
N GLY C 48 -24.11 -20.86 8.91
CA GLY C 48 -23.03 -21.56 8.24
C GLY C 48 -22.35 -20.68 7.20
N TYR C 49 -21.69 -21.35 6.27
CA TYR C 49 -20.75 -20.68 5.37
C TYR C 49 -21.41 -19.85 4.29
N LYS C 50 -22.65 -20.12 3.92
CA LYS C 50 -23.24 -19.47 2.77
C LYS C 50 -23.25 -17.95 2.94
N GLY C 51 -22.65 -17.24 1.97
CA GLY C 51 -22.55 -15.80 2.02
C GLY C 51 -21.25 -15.27 2.60
N SER C 52 -20.48 -16.09 3.30
CA SER C 52 -19.27 -15.62 3.95
C SER C 52 -18.14 -15.48 2.94
N CYS C 53 -17.06 -14.84 3.38
CA CYS C 53 -15.98 -14.35 2.53
CA CYS C 53 -16.02 -14.48 2.44
C CYS C 53 -14.67 -15.11 2.80
N PHE C 54 -13.85 -15.24 1.77
CA PHE C 54 -12.45 -15.63 1.93
C PHE C 54 -11.72 -14.32 2.16
N HIS C 55 -11.55 -13.97 3.44
CA HIS C 55 -11.06 -12.64 3.78
C HIS C 55 -9.54 -12.53 3.71
N ARG C 56 -8.82 -13.64 3.75
CA ARG C 56 -7.36 -13.62 3.82
C ARG C 56 -6.81 -14.61 2.79
N ILE C 57 -6.22 -14.10 1.72
CA ILE C 57 -5.65 -14.94 0.66
C ILE C 57 -4.22 -14.47 0.42
N ILE C 58 -3.25 -15.36 0.69
CA ILE C 58 -1.84 -15.01 0.56
C ILE C 58 -1.20 -15.95 -0.46
N PRO C 59 -0.85 -15.45 -1.65
CA PRO C 59 -0.30 -16.31 -2.70
C PRO C 59 0.95 -17.04 -2.23
N GLY C 60 1.03 -18.31 -2.61
CA GLY C 60 2.09 -19.18 -2.15
C GLY C 60 1.75 -19.94 -0.88
N PHE C 61 0.64 -19.62 -0.22
CA PHE C 61 0.35 -20.20 1.08
C PHE C 61 -1.06 -20.75 1.19
N MET C 62 -2.09 -19.90 1.23
CA MET C 62 -3.42 -20.42 1.51
C MET C 62 -4.52 -19.42 1.19
N CYS C 63 -5.75 -19.93 1.13
CA CYS C 63 -6.98 -19.14 1.08
C CYS C 63 -7.75 -19.44 2.37
N GLN C 64 -7.99 -18.41 3.18
CA GLN C 64 -8.65 -18.56 4.47
C GLN C 64 -10.00 -17.86 4.47
N GLY C 65 -11.01 -18.50 5.05
CA GLY C 65 -12.32 -17.88 5.13
C GLY C 65 -13.14 -18.45 6.28
N GLY C 66 -14.44 -18.17 6.24
CA GLY C 66 -15.36 -18.82 7.16
C GLY C 66 -15.89 -17.99 8.33
N ASP C 67 -15.60 -16.69 8.38
CA ASP C 67 -16.15 -15.86 9.46
C ASP C 67 -17.56 -15.40 9.08
N PHE C 68 -18.56 -16.17 9.46
CA PHE C 68 -19.94 -15.80 9.19
C PHE C 68 -20.62 -15.11 10.37
N THR C 69 -19.93 -14.88 11.48
CA THR C 69 -20.56 -14.21 12.62
C THR C 69 -20.17 -12.74 12.76
N ARG C 70 -18.91 -12.40 12.51
CA ARG C 70 -18.47 -11.02 12.59
C ARG C 70 -18.16 -10.41 11.24
N HIS C 71 -17.96 -11.23 10.21
CA HIS C 71 -17.76 -10.74 8.84
C HIS C 71 -16.50 -9.87 8.73
N ASN C 72 -15.53 -10.08 9.62
CA ASN C 72 -14.33 -9.24 9.63
C ASN C 72 -13.03 -10.02 9.86
N GLY C 73 -13.06 -11.36 9.83
CA GLY C 73 -11.88 -12.17 10.04
C GLY C 73 -11.60 -12.56 11.48
N THR C 74 -12.42 -12.12 12.43
CA THR C 74 -12.19 -12.44 13.83
C THR C 74 -13.16 -13.46 14.38
N GLY C 75 -14.23 -13.76 13.65
CA GLY C 75 -15.33 -14.52 14.20
C GLY C 75 -15.46 -15.94 13.68
N GLY C 76 -16.69 -16.43 13.68
CA GLY C 76 -17.04 -17.80 13.39
C GLY C 76 -17.46 -18.54 14.65
N LYS C 77 -18.19 -19.63 14.45
CA LYS C 77 -18.61 -20.52 15.52
C LYS C 77 -18.81 -21.91 14.94
N SER C 78 -18.70 -22.92 15.80
CA SER C 78 -18.91 -24.29 15.40
C SER C 78 -20.34 -24.73 15.70
N ILE C 79 -20.67 -25.95 15.26
CA ILE C 79 -21.97 -26.53 15.60
C ILE C 79 -22.01 -27.03 17.03
N TYR C 80 -20.88 -27.04 17.73
CA TYR C 80 -20.78 -27.54 19.10
C TYR C 80 -20.75 -26.45 20.15
N GLY C 81 -20.82 -25.19 19.75
CA GLY C 81 -20.57 -24.05 20.60
C GLY C 81 -19.61 -23.11 19.90
N GLU C 82 -19.14 -22.10 20.62
CA GLU C 82 -18.25 -21.14 19.98
C GLU C 82 -16.97 -21.80 19.48
N LYS C 83 -16.42 -22.71 20.27
CA LYS C 83 -15.14 -23.34 19.97
C LYS C 83 -15.18 -24.82 20.32
N PHE C 84 -14.32 -25.59 19.68
CA PHE C 84 -14.15 -26.99 20.05
C PHE C 84 -12.68 -27.37 19.98
N GLU C 85 -12.37 -28.48 20.67
CA GLU C 85 -10.98 -28.87 20.87
C GLU C 85 -10.38 -29.46 19.60
N ASP C 86 -9.04 -29.42 19.54
CA ASP C 86 -8.31 -30.08 18.47
C ASP C 86 -8.52 -31.59 18.57
N GLU C 87 -9.09 -32.17 17.52
CA GLU C 87 -9.53 -33.56 17.58
C GLU C 87 -8.36 -34.53 17.51
N ASN C 88 -7.51 -34.38 16.51
CA ASN C 88 -6.27 -35.12 16.40
C ASN C 88 -5.40 -34.40 15.38
N PHE C 89 -4.15 -34.83 15.28
CA PHE C 89 -3.22 -34.31 14.31
C PHE C 89 -2.67 -35.42 13.41
N ILE C 90 -3.54 -36.39 13.08
CA ILE C 90 -3.10 -37.52 12.26
C ILE C 90 -2.61 -37.03 10.90
N LEU C 91 -3.39 -36.17 10.26
CA LEU C 91 -3.10 -35.76 8.90
C LEU C 91 -2.32 -34.45 8.88
N LYS C 92 -1.57 -34.26 7.80
CA LYS C 92 -0.61 -33.18 7.70
C LYS C 92 -0.90 -32.29 6.50
N HIS C 93 -0.25 -31.12 6.49
CA HIS C 93 -0.47 -30.11 5.45
C HIS C 93 0.47 -30.40 4.29
N THR C 94 0.11 -31.43 3.53
CA THR C 94 1.06 -32.08 2.63
C THR C 94 1.27 -31.36 1.30
N GLY C 95 0.34 -30.51 0.89
CA GLY C 95 0.43 -29.89 -0.41
C GLY C 95 -0.81 -29.13 -0.78
N PRO C 96 -0.89 -28.65 -2.02
CA PRO C 96 -2.05 -27.87 -2.46
C PRO C 96 -3.34 -28.67 -2.31
N GLY C 97 -4.39 -27.98 -1.84
CA GLY C 97 -5.71 -28.55 -1.74
C GLY C 97 -6.08 -29.06 -0.36
N ILE C 98 -5.12 -29.14 0.56
CA ILE C 98 -5.44 -29.60 1.91
C ILE C 98 -6.35 -28.59 2.61
N LEU C 99 -7.38 -29.12 3.28
CA LEU C 99 -8.36 -28.32 4.01
C LEU C 99 -8.13 -28.50 5.50
N SER C 100 -7.98 -27.39 6.22
CA SER C 100 -7.52 -27.43 7.61
C SER C 100 -8.20 -26.32 8.41
N MET C 101 -8.28 -26.49 9.73
CA MET C 101 -8.96 -25.50 10.56
C MET C 101 -8.04 -24.34 10.91
N ALA C 102 -8.53 -23.11 10.74
CA ALA C 102 -7.86 -21.95 11.32
C ALA C 102 -8.10 -21.94 12.83
N ASN C 103 -7.24 -21.25 13.58
CA ASN C 103 -7.48 -21.20 15.02
C ASN C 103 -6.70 -20.02 15.61
N ALA C 104 -6.91 -19.81 16.90
CA ALA C 104 -6.23 -18.76 17.65
C ALA C 104 -5.35 -19.36 18.74
N GLY C 105 -4.82 -20.54 18.51
CA GLY C 105 -4.10 -21.28 19.53
C GLY C 105 -4.79 -22.60 19.83
N PRO C 106 -4.29 -23.33 20.82
CA PRO C 106 -4.83 -24.67 21.08
C PRO C 106 -6.32 -24.66 21.40
N ASN C 107 -7.04 -25.62 20.79
CA ASN C 107 -8.45 -25.90 21.11
C ASN C 107 -9.35 -24.69 20.90
N THR C 108 -9.17 -23.99 19.77
CA THR C 108 -9.99 -22.82 19.45
C THR C 108 -10.60 -22.93 18.05
N ASN C 109 -10.94 -24.15 17.62
CA ASN C 109 -11.61 -24.34 16.34
C ASN C 109 -13.03 -23.81 16.42
N GLY C 110 -13.44 -23.06 15.40
CA GLY C 110 -14.80 -22.59 15.31
C GLY C 110 -15.37 -22.93 13.94
N SER C 111 -15.37 -21.96 13.04
CA SER C 111 -15.71 -22.20 11.65
C SER C 111 -14.63 -21.80 10.66
N GLN C 112 -13.70 -20.93 11.04
CA GLN C 112 -12.72 -20.50 10.06
C GLN C 112 -11.81 -21.66 9.66
N PHE C 113 -11.44 -21.68 8.38
CA PHE C 113 -10.71 -22.78 7.79
C PHE C 113 -9.79 -22.17 6.73
N PHE C 114 -8.89 -23.00 6.22
CA PHE C 114 -8.06 -22.56 5.11
C PHE C 114 -7.80 -23.70 4.15
N ILE C 115 -7.58 -23.33 2.89
CA ILE C 115 -7.20 -24.26 1.84
C ILE C 115 -5.75 -23.97 1.49
N CYS C 116 -4.87 -24.95 1.69
CA CYS C 116 -3.47 -24.78 1.32
C CYS C 116 -3.32 -24.65 -0.19
N THR C 117 -2.45 -23.74 -0.62
CA THR C 117 -2.05 -23.72 -2.02
C THR C 117 -0.64 -24.23 -2.22
N ALA C 118 0.00 -24.68 -1.16
CA ALA C 118 1.33 -25.26 -1.17
C ALA C 118 1.46 -26.07 0.11
N LYS C 119 2.51 -26.87 0.19
CA LYS C 119 2.83 -27.56 1.44
CA LYS C 119 2.82 -27.56 1.43
C LYS C 119 3.13 -26.53 2.52
N THR C 120 2.51 -26.70 3.69
CA THR C 120 2.70 -25.79 4.82
C THR C 120 3.01 -26.60 6.09
N GLU C 121 4.15 -27.28 6.06
CA GLU C 121 4.47 -28.30 7.07
C GLU C 121 4.63 -27.70 8.47
N TRP C 122 4.99 -26.42 8.58
CA TRP C 122 5.14 -25.81 9.90
C TRP C 122 3.83 -25.71 10.66
N LEU C 123 2.69 -25.90 9.98
CA LEU C 123 1.39 -25.92 10.63
C LEU C 123 1.03 -27.30 11.16
N ASP C 124 1.80 -28.33 10.82
CA ASP C 124 1.48 -29.68 11.28
C ASP C 124 1.54 -29.74 12.80
N GLY C 125 0.56 -30.40 13.40
CA GLY C 125 0.49 -30.49 14.85
C GLY C 125 -0.10 -29.28 15.53
N LYS C 126 -0.42 -28.23 14.78
CA LYS C 126 -1.06 -27.05 15.35
C LYS C 126 -2.43 -26.75 14.75
N HIS C 127 -2.69 -27.18 13.53
CA HIS C 127 -3.98 -27.01 12.87
C HIS C 127 -4.48 -28.38 12.44
N VAL C 128 -5.77 -28.64 12.67
CA VAL C 128 -6.36 -29.94 12.40
C VAL C 128 -6.73 -30.03 10.93
N VAL C 129 -6.06 -30.92 10.20
CA VAL C 129 -6.37 -31.23 8.82
C VAL C 129 -7.56 -32.18 8.79
N PHE C 130 -8.56 -31.88 7.95
CA PHE C 130 -9.78 -32.68 7.96
C PHE C 130 -10.39 -32.91 6.59
N GLY C 131 -9.76 -32.45 5.52
CA GLY C 131 -10.33 -32.71 4.21
C GLY C 131 -9.37 -32.29 3.13
N LYS C 132 -9.84 -32.38 1.88
CA LYS C 132 -9.02 -31.93 0.76
C LYS C 132 -9.93 -31.55 -0.40
N VAL C 133 -9.42 -30.67 -1.26
CA VAL C 133 -10.13 -30.37 -2.50
C VAL C 133 -10.23 -31.63 -3.34
N LYS C 134 -11.44 -31.90 -3.84
CA LYS C 134 -11.68 -33.00 -4.77
C LYS C 134 -11.60 -32.43 -6.19
N GLU C 135 -12.61 -31.67 -6.59
CA GLU C 135 -12.59 -31.01 -7.88
C GLU C 135 -12.51 -29.49 -7.68
N GLY C 136 -11.87 -28.82 -8.63
CA GLY C 136 -11.82 -27.38 -8.61
C GLY C 136 -10.54 -26.76 -8.10
N MET C 137 -9.42 -27.49 -8.08
CA MET C 137 -8.16 -26.84 -7.72
C MET C 137 -7.89 -25.66 -8.64
N ASN C 138 -8.31 -25.73 -9.90
CA ASN C 138 -8.12 -24.59 -10.79
C ASN C 138 -8.91 -23.38 -10.31
N ILE C 139 -10.05 -23.60 -9.65
CA ILE C 139 -10.79 -22.48 -9.07
C ILE C 139 -10.05 -21.92 -7.86
N VAL C 140 -9.46 -22.81 -7.04
CA VAL C 140 -8.66 -22.34 -5.91
C VAL C 140 -7.46 -21.54 -6.39
N GLU C 141 -6.82 -21.99 -7.48
CA GLU C 141 -5.71 -21.23 -8.08
C GLU C 141 -6.18 -19.85 -8.54
N ALA C 142 -7.40 -19.75 -9.05
CA ALA C 142 -7.92 -18.44 -9.44
C ALA C 142 -8.13 -17.55 -8.22
N MET C 143 -8.74 -18.11 -7.17
CA MET C 143 -8.92 -17.36 -5.92
C MET C 143 -7.59 -16.80 -5.42
N GLU C 144 -6.54 -17.62 -5.49
CA GLU C 144 -5.23 -17.22 -5.01
C GLU C 144 -4.71 -15.99 -5.73
N ARG C 145 -5.06 -15.82 -7.02
CA ARG C 145 -4.60 -14.66 -7.77
C ARG C 145 -5.24 -13.37 -7.30
N PHE C 146 -6.34 -13.44 -6.55
CA PHE C 146 -6.92 -12.23 -6.00
C PHE C 146 -6.24 -11.80 -4.71
N GLY C 147 -5.34 -12.61 -4.16
CA GLY C 147 -4.71 -12.30 -2.89
C GLY C 147 -3.51 -11.40 -3.03
N SER C 148 -2.85 -11.19 -1.91
CA SER C 148 -1.67 -10.34 -1.85
C SER C 148 -0.87 -10.73 -0.63
N ARG C 149 0.31 -10.12 -0.51
CA ARG C 149 1.23 -10.50 0.55
C ARG C 149 0.65 -10.30 1.94
N ASN C 150 -0.19 -9.27 2.14
CA ASN C 150 -0.81 -9.04 3.45
C ASN C 150 -2.20 -9.65 3.56
N GLY C 151 -2.60 -10.46 2.59
CA GLY C 151 -3.86 -11.19 2.64
C GLY C 151 -5.06 -10.46 2.11
N LYS C 152 -4.98 -9.15 1.89
CA LYS C 152 -6.11 -8.42 1.37
C LYS C 152 -6.37 -8.81 -0.07
N THR C 153 -7.65 -8.98 -0.42
CA THR C 153 -8.01 -9.40 -1.76
C THR C 153 -8.40 -8.22 -2.62
N SER C 154 -8.11 -8.33 -3.92
CA SER C 154 -8.35 -7.21 -4.84
C SER C 154 -9.82 -7.08 -5.24
N LYS C 155 -10.59 -8.16 -5.11
CA LYS C 155 -12.04 -8.15 -5.19
C LYS C 155 -12.55 -9.04 -4.09
N LYS C 156 -13.85 -8.95 -3.79
CA LYS C 156 -14.42 -9.70 -2.68
C LYS C 156 -14.78 -11.11 -3.13
N ILE C 157 -14.18 -12.11 -2.46
CA ILE C 157 -14.32 -13.52 -2.82
C ILE C 157 -15.25 -14.14 -1.79
N THR C 158 -16.39 -14.67 -2.22
CA THR C 158 -17.38 -15.19 -1.29
C THR C 158 -17.82 -16.59 -1.68
N ILE C 159 -18.42 -17.26 -0.69
CA ILE C 159 -19.10 -18.54 -0.89
C ILE C 159 -20.56 -18.20 -1.19
N ALA C 160 -20.87 -18.08 -2.47
CA ALA C 160 -22.21 -17.67 -2.88
C ALA C 160 -23.24 -18.75 -2.58
N ASP C 161 -22.83 -20.01 -2.67
CA ASP C 161 -23.71 -21.14 -2.35
C ASP C 161 -22.82 -22.27 -1.87
N CYS C 162 -23.41 -23.19 -1.12
CA CYS C 162 -22.66 -24.33 -0.62
C CYS C 162 -23.65 -25.38 -0.17
N GLY C 163 -23.18 -26.62 -0.11
CA GLY C 163 -24.04 -27.71 0.29
C GLY C 163 -23.31 -29.02 0.26
N GLN C 164 -24.06 -30.10 0.43
CA GLN C 164 -23.52 -31.45 0.41
C GLN C 164 -23.92 -32.12 -0.89
N LEU C 165 -22.97 -32.81 -1.52
CA LEU C 165 -23.24 -33.62 -2.70
C LEU C 165 -23.50 -35.05 -2.30
N GLU C 166 -24.25 -35.76 -3.13
CA GLU C 166 -24.58 -37.17 -2.90
C GLU C 166 -23.36 -38.02 -2.53
N SER D 1 -19.63 39.13 -7.99
CA SER D 1 -18.80 39.97 -8.84
C SER D 1 -19.66 40.66 -9.87
N MET D 2 -19.29 41.91 -10.19
CA MET D 2 -19.94 42.60 -11.28
C MET D 2 -19.37 42.20 -12.64
N VAL D 3 -18.26 41.47 -12.68
CA VAL D 3 -17.58 41.19 -13.93
C VAL D 3 -17.34 39.69 -14.13
N ASN D 4 -16.96 38.98 -13.07
CA ASN D 4 -16.50 37.61 -13.23
C ASN D 4 -17.64 36.61 -13.07
N PRO D 5 -17.71 35.60 -13.94
CA PRO D 5 -18.77 34.61 -13.82
C PRO D 5 -18.57 33.72 -12.60
N THR D 6 -19.69 33.18 -12.11
CA THR D 6 -19.71 32.19 -11.04
C THR D 6 -20.24 30.88 -11.60
N VAL D 7 -19.52 29.79 -11.34
CA VAL D 7 -20.00 28.47 -11.70
C VAL D 7 -20.04 27.62 -10.44
N PHE D 8 -20.80 26.53 -10.52
CA PHE D 8 -20.93 25.64 -9.37
C PHE D 8 -20.70 24.19 -9.81
N PHE D 9 -20.22 23.40 -8.85
CA PHE D 9 -20.18 21.94 -8.93
C PHE D 9 -21.03 21.41 -7.78
N ASP D 10 -21.94 20.48 -8.08
CA ASP D 10 -22.56 19.67 -7.05
C ASP D 10 -21.75 18.38 -6.92
N ILE D 11 -21.10 18.18 -5.76
CA ILE D 11 -20.16 17.07 -5.57
C ILE D 11 -20.91 15.87 -5.01
N ALA D 12 -20.55 14.67 -5.47
CA ALA D 12 -21.13 13.44 -4.96
C ALA D 12 -20.02 12.52 -4.47
N VAL D 13 -20.37 11.70 -3.47
CA VAL D 13 -19.48 10.67 -2.94
CA VAL D 13 -19.49 10.68 -2.91
C VAL D 13 -20.18 9.34 -3.13
N ASP D 14 -19.59 8.48 -3.96
CA ASP D 14 -20.24 7.23 -4.36
C ASP D 14 -21.70 7.47 -4.77
N GLY D 15 -21.93 8.57 -5.51
CA GLY D 15 -23.24 8.90 -6.01
C GLY D 15 -24.12 9.71 -5.08
N GLU D 16 -23.74 9.86 -3.80
CA GLU D 16 -24.58 10.55 -2.83
C GLU D 16 -24.19 12.02 -2.75
N PRO D 17 -25.17 12.92 -2.61
CA PRO D 17 -24.84 14.35 -2.54
C PRO D 17 -23.95 14.66 -1.34
N LEU D 18 -22.85 15.36 -1.60
CA LEU D 18 -22.01 15.91 -0.55
C LEU D 18 -22.28 17.38 -0.29
N GLY D 19 -22.31 18.18 -1.34
CA GLY D 19 -22.55 19.60 -1.20
C GLY D 19 -22.14 20.32 -2.46
N ARG D 20 -22.38 21.62 -2.45
CA ARG D 20 -22.12 22.47 -3.60
C ARG D 20 -20.87 23.32 -3.36
N VAL D 21 -20.01 23.40 -4.37
CA VAL D 21 -18.88 24.31 -4.36
C VAL D 21 -19.11 25.29 -5.49
N SER D 22 -19.01 26.58 -5.19
CA SER D 22 -19.09 27.58 -6.25
C SER D 22 -17.74 28.26 -6.41
N PHE D 23 -17.48 28.77 -7.62
CA PHE D 23 -16.20 29.35 -7.95
C PHE D 23 -16.40 30.68 -8.64
N GLU D 24 -15.58 31.66 -8.28
CA GLU D 24 -15.45 32.88 -9.07
C GLU D 24 -14.35 32.65 -10.10
N LEU D 25 -14.64 32.89 -11.37
CA LEU D 25 -13.67 32.69 -12.44
C LEU D 25 -13.14 34.06 -12.86
N PHE D 26 -11.82 34.21 -12.83
CA PHE D 26 -11.19 35.52 -13.02
C PHE D 26 -11.08 35.88 -14.50
N ALA D 27 -12.25 36.05 -15.12
CA ALA D 27 -12.28 36.45 -16.52
C ALA D 27 -11.68 37.83 -16.72
N ASP D 28 -11.69 38.68 -15.68
CA ASP D 28 -11.12 40.02 -15.80
C ASP D 28 -9.61 39.98 -16.03
N LYS D 29 -8.93 38.96 -15.54
CA LYS D 29 -7.48 38.88 -15.69
C LYS D 29 -7.00 37.68 -16.48
N VAL D 30 -7.80 36.61 -16.58
CA VAL D 30 -7.36 35.39 -17.25
C VAL D 30 -8.52 34.95 -18.15
N PRO D 31 -8.89 35.74 -19.17
CA PRO D 31 -10.18 35.51 -19.83
C PRO D 31 -10.27 34.19 -20.61
N LYS D 32 -9.25 33.81 -21.35
CA LYS D 32 -9.35 32.59 -22.15
C LYS D 32 -9.47 31.36 -21.27
N THR D 33 -8.68 31.32 -20.20
CA THR D 33 -8.71 30.17 -19.30
C THR D 33 -9.99 30.13 -18.50
N ALA D 34 -10.47 31.29 -18.02
CA ALA D 34 -11.74 31.34 -17.31
C ALA D 34 -12.88 30.91 -18.22
N GLU D 35 -12.87 31.34 -19.49
CA GLU D 35 -13.96 31.01 -20.39
C GLU D 35 -14.02 29.51 -20.68
N ASN D 36 -12.85 28.88 -20.82
CA ASN D 36 -12.83 27.43 -21.00
C ASN D 36 -13.53 26.73 -19.83
N PHE D 37 -13.15 27.08 -18.61
CA PHE D 37 -13.74 26.43 -17.44
C PHE D 37 -15.24 26.73 -17.35
N ARG D 38 -15.64 27.97 -17.63
CA ARG D 38 -17.06 28.31 -17.62
C ARG D 38 -17.85 27.43 -18.59
N ALA D 39 -17.38 27.34 -19.84
CA ALA D 39 -18.11 26.58 -20.85
C ALA D 39 -18.09 25.09 -20.55
N LEU D 40 -17.01 24.59 -19.98
CA LEU D 40 -16.99 23.16 -19.61
C LEU D 40 -17.94 22.89 -18.45
N SER D 41 -18.19 23.90 -17.62
CA SER D 41 -19.12 23.74 -16.51
C SER D 41 -20.58 23.81 -16.96
N THR D 42 -20.89 24.59 -18.00
CA THR D 42 -22.25 24.59 -18.52
C THR D 42 -22.50 23.45 -19.48
N GLY D 43 -21.45 22.90 -20.08
CA GLY D 43 -21.59 21.88 -21.10
C GLY D 43 -22.07 22.38 -22.44
N GLU D 44 -22.05 23.70 -22.65
CA GLU D 44 -22.70 24.30 -23.81
C GLU D 44 -22.04 23.95 -25.14
N LYS D 45 -20.81 23.45 -25.14
CA LYS D 45 -20.15 23.00 -26.35
C LYS D 45 -20.44 21.54 -26.67
N GLY D 46 -21.21 20.86 -25.83
CA GLY D 46 -21.54 19.46 -26.04
C GLY D 46 -20.72 18.49 -25.22
N PHE D 47 -19.82 18.99 -24.39
CA PHE D 47 -18.99 18.17 -23.52
C PHE D 47 -18.60 19.02 -22.31
N GLY D 48 -18.06 18.37 -21.28
CA GLY D 48 -17.65 19.13 -20.12
C GLY D 48 -17.61 18.26 -18.88
N TYR D 49 -17.65 18.94 -17.73
CA TYR D 49 -17.29 18.34 -16.45
C TYR D 49 -18.36 17.44 -15.85
N LYS D 50 -19.63 17.57 -16.24
CA LYS D 50 -20.66 16.81 -15.55
C LYS D 50 -20.43 15.32 -15.68
N GLY D 51 -20.37 14.64 -14.53
CA GLY D 51 -20.11 13.22 -14.47
C GLY D 51 -18.67 12.85 -14.18
N SER D 52 -17.73 13.78 -14.37
CA SER D 52 -16.32 13.46 -14.24
C SER D 52 -15.92 13.38 -12.76
N CYS D 53 -14.70 12.91 -12.53
CA CYS D 53 -14.23 12.49 -11.22
C CYS D 53 -13.07 13.36 -10.75
N PHE D 54 -13.02 13.61 -9.43
CA PHE D 54 -11.79 14.09 -8.79
C PHE D 54 -10.92 12.87 -8.52
N HIS D 55 -10.03 12.57 -9.45
CA HIS D 55 -9.29 11.32 -9.42
C HIS D 55 -8.06 11.35 -8.53
N ARG D 56 -7.56 12.54 -8.18
CA ARG D 56 -6.33 12.65 -7.40
C ARG D 56 -6.56 13.67 -6.29
N ILE D 57 -6.63 13.19 -5.06
CA ILE D 57 -6.85 14.05 -3.91
C ILE D 57 -5.77 13.73 -2.89
N ILE D 58 -4.92 14.71 -2.60
CA ILE D 58 -3.83 14.52 -1.65
C ILE D 58 -4.00 15.51 -0.49
N PRO D 59 -4.34 15.02 0.70
CA PRO D 59 -4.56 15.92 1.84
C PRO D 59 -3.35 16.79 2.12
N GLY D 60 -3.62 18.07 2.40
CA GLY D 60 -2.58 19.05 2.60
C GLY D 60 -2.14 19.77 1.35
N PHE D 61 -2.65 19.37 0.18
CA PHE D 61 -2.19 19.95 -1.07
C PHE D 61 -3.35 20.37 -1.97
N MET D 62 -4.10 19.41 -2.53
CA MET D 62 -5.08 19.80 -3.54
C MET D 62 -6.06 18.67 -3.86
N CYS D 63 -7.15 19.05 -4.53
CA CYS D 63 -8.11 18.14 -5.15
C CYS D 63 -8.05 18.38 -6.65
N GLN D 64 -7.69 17.35 -7.42
CA GLN D 64 -7.52 17.45 -8.87
C GLN D 64 -8.56 16.60 -9.58
N GLY D 65 -9.10 17.13 -10.68
CA GLY D 65 -10.09 16.43 -11.47
C GLY D 65 -10.14 16.94 -12.89
N GLY D 66 -11.21 16.55 -13.59
CA GLY D 66 -11.55 17.10 -14.88
C GLY D 66 -11.21 16.27 -16.11
N ASP D 67 -10.80 15.02 -15.96
CA ASP D 67 -10.52 14.17 -17.11
C ASP D 67 -11.82 13.50 -17.55
N PHE D 68 -12.52 14.12 -18.48
CA PHE D 68 -13.76 13.58 -19.01
C PHE D 68 -13.60 12.90 -20.36
N THR D 69 -12.38 12.76 -20.87
CA THR D 69 -12.18 12.08 -22.15
C THR D 69 -11.58 10.68 -22.00
N ARG D 70 -10.59 10.52 -21.12
CA ARG D 70 -9.97 9.22 -20.89
CA ARG D 70 -10.00 9.20 -20.89
C ARG D 70 -10.37 8.59 -19.56
N HIS D 71 -10.82 9.40 -18.60
CA HIS D 71 -11.28 8.89 -17.31
C HIS D 71 -10.19 8.13 -16.56
N ASN D 72 -8.92 8.51 -16.79
CA ASN D 72 -7.80 7.81 -16.15
C ASN D 72 -6.73 8.76 -15.63
N GLY D 73 -6.96 10.06 -15.61
CA GLY D 73 -6.00 11.03 -15.17
C GLY D 73 -5.01 11.50 -16.22
N THR D 74 -5.13 11.01 -17.46
CA THR D 74 -4.24 11.47 -18.51
C THR D 74 -4.93 12.32 -19.56
N GLY D 75 -6.25 12.45 -19.49
CA GLY D 75 -6.98 13.10 -20.56
C GLY D 75 -7.57 14.46 -20.24
N GLY D 76 -8.67 14.75 -20.92
CA GLY D 76 -9.31 16.05 -20.93
C GLY D 76 -9.07 16.79 -22.23
N LYS D 77 -9.91 17.80 -22.48
CA LYS D 77 -9.77 18.65 -23.65
C LYS D 77 -10.41 19.99 -23.37
N SER D 78 -9.97 21.00 -24.09
CA SER D 78 -10.50 22.35 -23.92
C SER D 78 -11.55 22.66 -24.99
N ILE D 79 -12.19 23.82 -24.81
CA ILE D 79 -13.10 24.32 -25.83
C ILE D 79 -12.36 24.83 -27.05
N TYR D 80 -11.03 24.92 -26.99
CA TYR D 80 -10.21 25.46 -28.09
C TYR D 80 -9.50 24.38 -28.88
N GLY D 81 -9.71 23.12 -28.56
CA GLY D 81 -8.97 22.00 -29.08
C GLY D 81 -8.44 21.19 -27.94
N GLU D 82 -7.61 20.20 -28.25
CA GLU D 82 -7.13 19.30 -27.21
C GLU D 82 -6.37 20.05 -26.13
N LYS D 83 -5.52 21.01 -26.51
CA LYS D 83 -4.69 21.74 -25.57
C LYS D 83 -4.63 23.21 -25.98
N PHE D 84 -4.32 24.07 -25.00
CA PHE D 84 -4.09 25.47 -25.27
C PHE D 84 -2.95 26.00 -24.41
N GLU D 85 -2.40 27.13 -24.84
CA GLU D 85 -1.18 27.67 -24.25
C GLU D 85 -1.45 28.26 -22.87
N ASP D 86 -0.37 28.37 -22.08
CA ASP D 86 -0.43 29.07 -20.81
C ASP D 86 -0.71 30.56 -21.07
N GLU D 87 -1.87 31.03 -20.59
CA GLU D 87 -2.33 32.37 -20.94
C GLU D 87 -1.50 33.45 -20.25
N ASN D 88 -1.37 33.35 -18.93
CA ASN D 88 -0.52 34.26 -18.18
C ASN D 88 -0.27 33.66 -16.82
N PHE D 89 0.66 34.24 -16.09
CA PHE D 89 0.97 33.85 -14.72
C PHE D 89 0.76 35.02 -13.76
N ILE D 90 -0.26 35.83 -14.05
CA ILE D 90 -0.52 37.02 -13.24
C ILE D 90 -0.86 36.64 -11.80
N LEU D 91 -1.65 35.59 -11.63
CA LEU D 91 -2.11 35.20 -10.30
C LEU D 91 -1.30 34.03 -9.77
N LYS D 92 -1.20 33.96 -8.45
CA LYS D 92 -0.33 33.00 -7.78
C LYS D 92 -1.15 32.05 -6.93
N HIS D 93 -0.51 30.97 -6.49
CA HIS D 93 -1.15 29.96 -5.66
C HIS D 93 -0.96 30.38 -4.21
N THR D 94 -1.87 31.23 -3.73
CA THR D 94 -1.66 31.96 -2.49
C THR D 94 -2.30 31.30 -1.27
N GLY D 95 -3.08 30.24 -1.44
CA GLY D 95 -3.70 29.60 -0.31
C GLY D 95 -4.88 28.71 -0.67
N PRO D 96 -5.59 28.21 0.34
CA PRO D 96 -6.73 27.34 0.09
C PRO D 96 -7.78 28.01 -0.79
N GLY D 97 -8.41 27.20 -1.66
CA GLY D 97 -9.47 27.66 -2.51
C GLY D 97 -9.04 28.11 -3.90
N ILE D 98 -7.74 28.31 -4.11
CA ILE D 98 -7.26 28.72 -5.44
C ILE D 98 -7.59 27.63 -6.45
N LEU D 99 -8.09 28.05 -7.62
CA LEU D 99 -8.44 27.17 -8.74
C LEU D 99 -7.43 27.40 -9.85
N SER D 100 -6.77 26.33 -10.29
CA SER D 100 -5.63 26.45 -11.19
C SER D 100 -5.64 25.28 -12.18
N MET D 101 -4.98 25.47 -13.33
CA MET D 101 -4.97 24.43 -14.36
C MET D 101 -3.91 23.38 -14.10
N ALA D 102 -4.30 22.10 -14.20
CA ALA D 102 -3.33 21.02 -14.26
C ALA D 102 -2.73 20.99 -15.66
N ASN D 103 -1.54 20.42 -15.77
CA ASN D 103 -0.91 20.34 -17.10
C ASN D 103 0.18 19.28 -17.09
N ALA D 104 0.72 19.01 -18.28
CA ALA D 104 1.81 18.07 -18.45
C ALA D 104 3.10 18.77 -18.86
N GLY D 105 3.27 20.02 -18.43
CA GLY D 105 4.37 20.84 -18.89
C GLY D 105 3.86 22.07 -19.61
N PRO D 106 4.76 22.86 -20.17
CA PRO D 106 4.35 24.14 -20.78
C PRO D 106 3.31 23.96 -21.88
N ASN D 107 2.28 24.81 -21.84
CA ASN D 107 1.31 24.92 -22.94
C ASN D 107 0.54 23.62 -23.20
N THR D 108 0.09 22.96 -22.14
CA THR D 108 -0.66 21.73 -22.26
C THR D 108 -1.95 21.78 -21.45
N ASN D 109 -2.57 22.95 -21.35
CA ASN D 109 -3.85 23.05 -20.66
C ASN D 109 -4.95 22.40 -21.48
N GLY D 110 -5.81 21.65 -20.81
CA GLY D 110 -6.96 21.07 -21.49
C GLY D 110 -8.21 21.31 -20.67
N SER D 111 -8.59 20.34 -19.85
CA SER D 111 -9.68 20.52 -18.89
C SER D 111 -9.31 20.20 -17.46
N GLN D 112 -8.24 19.45 -17.21
CA GLN D 112 -7.91 19.09 -15.83
C GLN D 112 -7.50 20.32 -15.05
N PHE D 113 -7.89 20.35 -13.78
CA PHE D 113 -7.73 21.51 -12.92
C PHE D 113 -7.51 20.98 -11.50
N PHE D 114 -7.12 21.87 -10.62
CA PHE D 114 -7.03 21.52 -9.22
C PHE D 114 -7.48 22.67 -8.33
N ILE D 115 -7.99 22.29 -7.16
CA ILE D 115 -8.38 23.23 -6.12
C ILE D 115 -7.37 23.07 -4.99
N CYS D 116 -6.62 24.14 -4.69
CA CYS D 116 -5.65 24.08 -3.60
C CYS D 116 -6.36 23.99 -2.25
N THR D 117 -5.78 23.20 -1.34
CA THR D 117 -6.22 23.20 0.05
C THR D 117 -5.16 23.80 0.97
N ALA D 118 -4.08 24.33 0.39
CA ALA D 118 -3.00 24.98 1.11
C ALA D 118 -2.33 25.89 0.11
N LYS D 119 -1.44 26.76 0.60
CA LYS D 119 -0.61 27.54 -0.29
C LYS D 119 0.36 26.61 -0.99
N THR D 120 0.45 26.72 -2.32
CA THR D 120 1.31 25.86 -3.13
C THR D 120 2.18 26.74 -4.03
N GLU D 121 3.02 27.57 -3.40
CA GLU D 121 3.74 28.61 -4.13
C GLU D 121 4.75 28.04 -5.13
N TRP D 122 5.21 26.80 -4.93
CA TRP D 122 6.16 26.21 -5.88
C TRP D 122 5.55 25.97 -7.24
N LEU D 123 4.21 26.04 -7.37
CA LEU D 123 3.54 25.90 -8.66
C LEU D 123 3.43 27.22 -9.42
N ASP D 124 3.79 28.34 -8.78
CA ASP D 124 3.68 29.64 -9.41
C ASP D 124 4.56 29.67 -10.65
N GLY D 125 4.01 30.20 -11.74
CA GLY D 125 4.73 30.30 -12.99
C GLY D 125 4.75 29.03 -13.80
N LYS D 126 4.15 27.95 -13.30
CA LYS D 126 4.04 26.69 -14.02
C LYS D 126 2.61 26.27 -14.25
N HIS D 127 1.67 26.74 -13.45
CA HIS D 127 0.26 26.45 -13.62
C HIS D 127 -0.50 27.76 -13.63
N VAL D 128 -1.46 27.87 -14.54
CA VAL D 128 -2.24 29.11 -14.68
C VAL D 128 -3.38 29.13 -13.66
N VAL D 129 -3.31 30.09 -12.72
CA VAL D 129 -4.36 30.34 -11.75
C VAL D 129 -5.45 31.18 -12.42
N PHE D 130 -6.72 30.77 -12.26
CA PHE D 130 -7.79 31.45 -12.98
C PHE D 130 -9.08 31.61 -12.18
N GLY D 131 -9.12 31.19 -10.92
CA GLY D 131 -10.34 31.35 -10.15
C GLY D 131 -10.10 31.03 -8.70
N LYS D 132 -11.19 31.06 -7.93
CA LYS D 132 -11.12 30.70 -6.51
C LYS D 132 -12.49 30.23 -6.05
N VAL D 133 -12.49 29.34 -5.07
CA VAL D 133 -13.73 28.96 -4.39
C VAL D 133 -14.39 30.19 -3.81
N LYS D 134 -15.69 30.33 -4.09
CA LYS D 134 -16.53 31.40 -3.56
C LYS D 134 -17.33 30.92 -2.36
N GLU D 135 -18.18 29.91 -2.54
CA GLU D 135 -18.88 29.27 -1.45
C GLU D 135 -18.55 27.78 -1.46
N GLY D 136 -18.61 27.17 -0.28
CA GLY D 136 -18.45 25.74 -0.18
C GLY D 136 -17.05 25.25 0.08
N MET D 137 -16.16 26.07 0.65
CA MET D 137 -14.85 25.56 1.00
C MET D 137 -14.97 24.41 2.00
N ASN D 138 -16.00 24.42 2.85
CA ASN D 138 -16.20 23.28 3.75
C ASN D 138 -16.43 21.98 2.97
N ILE D 139 -17.04 22.08 1.79
CA ILE D 139 -17.25 20.88 0.96
C ILE D 139 -15.92 20.40 0.37
N VAL D 140 -15.06 21.32 -0.03
CA VAL D 140 -13.73 20.95 -0.49
C VAL D 140 -12.95 20.28 0.64
N GLU D 141 -13.03 20.84 1.85
CA GLU D 141 -12.36 20.21 2.99
C GLU D 141 -12.93 18.80 3.23
N ALA D 142 -14.23 18.62 3.02
CA ALA D 142 -14.81 17.28 3.14
C ALA D 142 -14.27 16.34 2.05
N MET D 143 -14.16 16.83 0.82
CA MET D 143 -13.58 16.02 -0.25
C MET D 143 -12.15 15.64 0.07
N GLU D 144 -11.38 16.58 0.62
CA GLU D 144 -9.98 16.33 0.90
C GLU D 144 -9.80 15.13 1.81
N ARG D 145 -10.75 14.90 2.72
CA ARG D 145 -10.64 13.78 3.67
C ARG D 145 -10.79 12.42 3.00
N PHE D 146 -11.32 12.35 1.78
CA PHE D 146 -11.39 11.10 1.05
C PHE D 146 -10.10 10.78 0.30
N GLY D 147 -9.10 11.66 0.32
CA GLY D 147 -7.87 11.44 -0.39
C GLY D 147 -6.86 10.65 0.43
N SER D 148 -5.66 10.56 -0.12
CA SER D 148 -4.58 9.83 0.52
C SER D 148 -3.26 10.34 -0.02
N ARG D 149 -2.16 9.88 0.58
CA ARG D 149 -0.85 10.40 0.23
C ARG D 149 -0.50 10.15 -1.23
N ASN D 150 -0.99 9.08 -1.84
CA ASN D 150 -0.70 8.80 -3.24
C ASN D 150 -1.82 9.28 -4.16
N GLY D 151 -2.78 10.03 -3.62
CA GLY D 151 -3.84 10.62 -4.40
C GLY D 151 -5.06 9.75 -4.62
N LYS D 152 -4.97 8.45 -4.37
CA LYS D 152 -6.13 7.59 -4.55
C LYS D 152 -7.20 7.89 -3.50
N THR D 153 -8.45 7.91 -3.93
CA THR D 153 -9.53 8.27 -3.03
C THR D 153 -10.21 7.01 -2.51
N SER D 154 -10.73 7.10 -1.28
CA SER D 154 -11.32 5.94 -0.63
C SER D 154 -12.75 5.70 -1.07
N LYS D 155 -13.42 6.73 -1.57
CA LYS D 155 -14.70 6.63 -2.27
C LYS D 155 -14.58 7.50 -3.50
N LYS D 156 -15.44 7.25 -4.48
CA LYS D 156 -15.36 7.96 -5.74
C LYS D 156 -16.05 9.32 -5.63
N ILE D 157 -15.29 10.37 -5.89
CA ILE D 157 -15.75 11.75 -5.77
C ILE D 157 -16.01 12.26 -7.19
N THR D 158 -17.25 12.64 -7.48
CA THR D 158 -17.63 13.05 -8.82
C THR D 158 -18.34 14.39 -8.81
N ILE D 159 -18.39 14.99 -10.01
CA ILE D 159 -19.19 16.19 -10.25
C ILE D 159 -20.55 15.69 -10.74
N ALA D 160 -21.52 15.60 -9.82
CA ALA D 160 -22.84 15.11 -10.18
C ALA D 160 -23.61 16.11 -11.03
N ASP D 161 -23.38 17.40 -10.84
CA ASP D 161 -24.03 18.43 -11.65
C ASP D 161 -23.12 19.65 -11.62
N CYS D 162 -23.29 20.52 -12.61
CA CYS D 162 -22.50 21.74 -12.66
C CYS D 162 -23.18 22.68 -13.63
N GLY D 163 -22.82 23.96 -13.52
CA GLY D 163 -23.46 24.98 -14.32
C GLY D 163 -23.00 26.35 -13.88
N GLN D 164 -23.67 27.37 -14.44
CA GLN D 164 -23.35 28.76 -14.18
C GLN D 164 -24.47 29.41 -13.36
N LEU D 165 -24.09 30.23 -12.39
CA LEU D 165 -25.02 30.88 -11.48
C LEU D 165 -25.23 32.35 -11.88
N GLU D 166 -25.64 33.17 -10.90
CA GLU D 166 -25.84 34.61 -11.08
C GLU D 166 -26.83 34.93 -12.20
PG GNP E . 4.80 7.45 -14.31
O1G GNP E . 4.42 6.71 -13.05
O2G GNP E . 3.75 8.51 -14.63
O3G GNP E . 6.21 8.06 -14.27
N3B GNP E . 4.77 6.34 -15.60
PB GNP E . 5.43 4.84 -15.58
O1B GNP E . 6.89 4.88 -15.93
O2B GNP E . 5.11 4.11 -14.30
O3A GNP E . 4.63 4.09 -16.80
PA GNP E . 3.52 2.96 -16.69
O1A GNP E . 4.16 1.70 -16.13
O2A GNP E . 2.32 3.48 -16.01
O5' GNP E . 3.26 2.66 -18.21
C5' GNP E . 2.85 3.72 -19.12
C4' GNP E . 2.09 3.11 -20.27
O4' GNP E . 2.95 2.24 -21.03
C3' GNP E . 0.88 2.27 -19.90
O3' GNP E . -0.12 2.37 -20.90
C2' GNP E . 1.46 0.86 -19.85
O2' GNP E . 0.47 -0.15 -20.08
C1' GNP E . 2.43 0.91 -21.03
N9 GNP E . 3.56 -0.02 -20.93
C8 GNP E . 4.43 -0.15 -19.87
N7 GNP E . 5.35 -1.06 -20.09
C5 GNP E . 5.07 -1.54 -21.35
C6 GNP E . 5.73 -2.57 -22.14
O6 GNP E . 6.71 -3.23 -21.83
N1 GNP E . 5.11 -2.74 -23.36
C2 GNP E . 4.01 -2.05 -23.80
N2 GNP E . 3.55 -2.35 -25.01
N3 GNP E . 3.40 -1.12 -23.08
C4 GNP E . 3.97 -0.91 -21.89
MG MG F . 4.23 4.76 -12.58
C1 A1AZX G . 7.62 13.21 -4.87
C10 A1AZX G . 2.70 13.63 -0.98
C11 A1AZX G . 4.18 11.18 -1.92
C12 A1AZX G . 4.07 15.69 -5.36
C13 A1AZX G . 4.04 14.91 -6.57
C14 A1AZX G . 3.43 15.10 -7.81
C15 A1AZX G . 3.60 14.16 -8.83
C16 A1AZX G . 4.36 13.00 -8.56
C17 A1AZX G . 4.97 12.78 -7.34
C18 A1AZX G . 4.80 13.75 -6.35
C19 A1AZX G . 2.94 14.33 -10.15
C2 A1AZX G . 6.22 12.82 -4.50
C20 A1AZX G . 2.66 13.22 -10.94
C21 A1AZX G . 2.00 13.39 -12.16
C22 A1AZX G . 1.64 14.66 -12.58
C23 A1AZX G . 1.91 15.78 -11.80
C24 A1AZX G . 2.55 15.59 -10.58
C25 A1AZX G . 1.48 17.16 -12.27
C26 A1AZX G . -0.02 17.18 -12.60
C27 A1AZX G . -1.00 15.82 -14.40
C28 A1AZX G . -0.92 15.52 -15.90
C29 A1AZX G . -2.32 15.48 -16.54
C3 A1AZX G . 4.87 14.99 -4.47
C30 A1AZX G . -3.04 16.84 -16.36
C31 A1AZX G . -3.43 17.29 -17.77
C32 A1AZX G . -2.33 16.70 -18.60
C33 A1AZX G . -2.31 15.27 -18.07
C34 A1AZX G . -0.62 13.01 -15.97
C35 A1AZX G . 1.27 14.63 -16.17
C36 A1AZX G . 2.27 13.47 -16.24
C37 A1AZX G . 4.19 14.24 -14.84
C38 A1AZX G . 4.21 14.49 -17.31
C39 A1AZX G . 5.55 15.23 -17.31
C4 A1AZX G . 5.25 15.40 -3.10
C40 A1AZX G . 6.77 14.39 -16.94
C41 A1AZX G . -0.62 18.52 -12.25
C42 A1AZX G . -1.57 19.98 -10.44
C43 A1AZX G . -0.70 20.51 -9.31
C44 A1AZX G . -0.49 19.42 -8.28
C45 A1AZX G . 0.12 18.17 -8.91
C46 A1AZX G . 0.20 17.09 -7.88
C47 A1AZX G . 1.04 16.54 -5.73
C48 A1AZX G . 1.99 17.13 -4.67
C49 A1AZX G . 1.65 18.61 -4.47
C5 A1AZX G . 6.11 16.49 -2.95
C50 A1AZX G . 1.77 16.38 -3.35
C51 A1AZX G . 3.44 17.03 -5.15
C6 A1AZX G . 6.49 16.90 -1.70
C7 A1AZX G . 6.00 16.22 -0.62
C8 A1AZX G . 4.79 14.76 -1.93
C9 A1AZX G . 3.88 13.54 -1.94
N1 A1AZX G . 5.29 13.80 -5.07
N2 A1AZX G . 5.18 15.18 -0.71
N3 A1AZX G . -0.24 16.85 -14.00
N4 A1AZX G . -0.06 14.35 -16.04
N5 A1AZX G . 3.61 14.05 -16.18
N6 A1AZX G . 5.74 15.80 -18.67
N7 A1AZX G . -0.98 18.71 -10.94
N8 A1AZX G . -0.73 17.72 -9.99
O1 A1AZX G . 4.69 12.45 -1.51
O2 A1AZX G . 1.70 12.32 -12.96
O3 A1AZX G . -1.67 15.13 -13.64
O4 A1AZX G . 1.68 15.77 -16.19
O5 A1AZX G . 3.59 14.35 -18.37
O6 A1AZX G . -0.83 19.38 -13.09
O7 A1AZX G . -0.47 16.10 -7.91
O8 A1AZX G . 1.05 17.41 -6.90
CL CL H . 3.65 19.08 -9.49
PG GNP I . -2.34 -7.58 15.72
O1G GNP I . -2.20 -6.86 14.41
O2G GNP I . -1.01 -7.98 16.31
O3G GNP I . -3.26 -8.81 15.56
N3B GNP I . -3.13 -6.57 16.85
PB GNP I . -2.73 -4.99 17.13
O1B GNP I . -1.66 -4.88 18.17
O2B GNP I . -2.46 -4.25 15.85
O3A GNP I . -4.09 -4.36 17.81
PA GNP I . -5.16 -3.41 17.12
O1A GNP I . -4.54 -2.04 16.88
O2A GNP I . -5.81 -4.13 15.98
O5' GNP I . -6.18 -3.21 18.30
C5' GNP I . -6.83 -4.34 18.92
C4' GNP I . -8.13 -3.88 19.52
O4' GNP I . -7.87 -2.96 20.62
C3' GNP I . -9.09 -3.15 18.58
O3' GNP I . -10.43 -3.46 18.90
C2' GNP I . -8.78 -1.67 18.85
O2' GNP I . -9.86 -0.79 18.59
C1' GNP I . -8.49 -1.71 20.36
N9 GNP I . -7.58 -0.66 20.81
C8 GNP I . -6.32 -0.40 20.34
N7 GNP I . -5.74 0.61 20.96
C5 GNP I . -6.66 1.00 21.91
C6 GNP I . -6.60 2.05 22.90
O6 GNP I . -5.65 2.83 23.08
N1 GNP I . -7.75 2.11 23.66
C2 GNP I . -8.84 1.29 23.51
N2 GNP I . -9.88 1.50 24.33
N3 GNP I . -8.91 0.32 22.60
C4 GNP I . -7.80 0.23 21.84
MG MG J . -2.30 -4.92 13.93
C1 A1AZX K . 5.48 -12.63 9.57
C10 A1AZX K . 3.64 -13.47 3.60
C11 A1AZX K . 4.00 -10.84 5.18
C12 A1AZX K . 2.60 -15.51 8.04
C13 A1AZX K . 1.80 -14.79 9.01
C14 A1AZX K . 0.63 -15.09 9.71
C15 A1AZX K . 0.10 -14.17 10.61
C16 A1AZX K . 0.75 -12.92 10.77
C17 A1AZX K . 1.91 -12.61 10.10
C18 A1AZX K . 2.42 -13.54 9.22
C19 A1AZX K . -1.15 -14.45 11.35
C2 A1AZX K . 4.51 -12.39 8.42
C20 A1AZX K . -1.95 -13.42 11.84
C21 A1AZX K . -3.13 -13.70 12.52
C22 A1AZX K . -3.54 -15.02 12.69
C23 A1AZX K . -2.78 -16.06 12.19
C24 A1AZX K . -1.60 -15.77 11.52
C25 A1AZX K . -3.25 -17.49 12.36
C26 A1AZX K . -4.67 -17.69 11.79
C27 A1AZX K . -6.62 -16.51 12.67
C28 A1AZX K . -7.52 -16.28 13.87
C29 A1AZX K . -9.00 -16.46 13.57
C3 A1AZX K . 3.66 -14.69 7.72
C30 A1AZX K . -9.32 -17.90 13.18
C31 A1AZX K . -10.12 -18.44 14.35
C32 A1AZX K . -10.99 -17.27 14.71
C33 A1AZX K . -9.92 -16.19 14.78
C34 A1AZX K . -7.72 -13.73 13.90
C35 A1AZX K . -6.20 -14.94 15.38
C36 A1AZX K . -5.87 -13.58 15.99
C37 A1AZX K . -3.49 -13.40 16.65
C38 A1AZX K . -5.23 -14.18 18.25
C39 A1AZX K . -4.23 -14.33 19.37
C4 A1AZX K . 4.78 -14.98 6.80
C40 A1AZX K . -4.39 -13.19 20.37
C41 A1AZX K . -4.84 -19.08 11.19
C42 A1AZX K . -4.49 -20.52 9.18
C43 A1AZX K . -3.09 -20.94 8.72
C44 A1AZX K . -2.39 -19.80 7.98
C45 A1AZX K . -2.36 -18.53 8.85
C46 A1AZX K . -1.81 -17.39 8.01
C47 A1AZX K . 0.00 -16.69 6.69
C48 A1AZX K . 1.43 -17.14 6.37
C49 A1AZX K . 1.44 -18.65 6.08
C5 A1AZX K . 5.72 -15.97 7.16
C50 A1AZX K . 1.91 -16.37 5.15
C51 A1AZX K . 2.34 -16.90 7.57
C6 A1AZX K . 6.77 -16.25 6.34
C7 A1AZX K . 6.88 -15.54 5.16
C8 A1AZX K . 4.98 -14.31 5.56
C9 A1AZX K . 4.07 -13.22 5.03
N1 A1AZX K . 3.54 -13.48 8.40
N2 A1AZX K . 6.02 -14.60 4.78
N3 A1AZX K . -5.68 -17.44 12.81
N4 A1AZX K . -7.15 -14.97 14.42
N5 A1AZX K . -4.86 -13.73 17.03
N6 A1AZX K . -4.48 -15.62 20.05
N7 A1AZX K . -4.36 -19.24 9.91
N8 A1AZX K . -3.72 -18.19 9.24
O1 A1AZX K . 4.82 -12.00 5.10
O2 A1AZX K . -3.93 -12.71 13.01
O3 A1AZX K . -6.78 -15.83 11.64
O4 A1AZX K . -5.60 -15.96 15.74
O5 A1AZX K . -6.41 -14.48 18.46
O6 A1AZX K . -5.41 -19.99 11.77
O7 A1AZX K . -2.48 -16.47 7.63
O8 A1AZX K . -0.54 -17.59 7.69
CL CL L . 0.25 -19.05 11.39
#